data_4ZQE
#
_entry.id   4ZQE
#
_cell.length_a   133.210
_cell.length_b   133.210
_cell.length_c   77.510
_cell.angle_alpha   90.00
_cell.angle_beta   90.00
_cell.angle_gamma   90.00
#
_symmetry.space_group_name_H-M   'P 41'
#
loop_
_entity.id
_entity.type
_entity.pdbx_description
1 polymer '1-deoxy-D-xylulose 5-phosphate reductoisomerase'
2 non-polymer 'SULFATE ION'
3 non-polymer GLYCEROL
4 water water
#
_entity_poly.entity_id   1
_entity_poly.type   'polypeptide(L)'
_entity_poly.pdbx_seq_one_letter_code
;MAHHHHHHSSGLEVLFQGPADTLQSLAILGATGSIGDSTLAIIRQHPNRYRIHALTGFSRVDKLLALAMEFHPVKICTSP
DNYAQLSQKVTDAGLDTIILSGDEGLIEIASDEAVDTVVAAIVGAAGLSSTLAAAGAGKRILLANKESLVMAGDLVIKTA
KKHGATILPIDSEHNAIYQCLPAAIQADNTAIHHTSYGIKKLWLTASGGSFLDKSIKQMQNASVKEAVNHPNWSMGQKIS
IDSATMMNKGLELIEACHLFDLKEHQIQVVIHPNSVVHSLVEYVDGSFLAQLGTPDMKTPIAHALAYPERIKSGVMPLDL
YQLGSLKFLAPDLDKFACLKLARYAARLGTGACIALNTANEIAVEAFLAEKICLTDIAVIVKACLDDKTIAQDYSQDFGD
EVLGLERILTMDKKVRKIATAKIKLLKQGDVL
;
_entity_poly.pdbx_strand_id   A,B
#
# COMPACT_ATOMS: atom_id res chain seq x y z
N THR A 22 -6.65 -26.25 10.90
CA THR A 22 -6.52 -24.75 10.88
C THR A 22 -6.67 -24.09 12.25
N LEU A 23 -7.40 -24.70 13.21
CA LEU A 23 -7.57 -24.11 14.55
C LEU A 23 -6.19 -23.89 15.23
N GLN A 24 -5.89 -22.67 15.64
CA GLN A 24 -4.64 -22.42 16.34
C GLN A 24 -4.88 -22.29 17.82
N SER A 25 -4.03 -22.92 18.59
CA SER A 25 -4.02 -22.75 20.00
C SER A 25 -2.99 -21.62 20.41
N LEU A 26 -3.48 -20.61 21.14
CA LEU A 26 -2.73 -19.41 21.47
C LEU A 26 -2.32 -19.31 22.92
N ALA A 27 -1.14 -18.78 23.10
CA ALA A 27 -0.71 -18.27 24.37
C ALA A 27 -0.52 -16.78 24.26
N ILE A 28 -1.14 -16.04 25.17
CA ILE A 28 -0.97 -14.60 25.16
C ILE A 28 -0.11 -14.21 26.33
N LEU A 29 1.12 -13.78 26.02
CA LEU A 29 2.09 -13.36 27.02
C LEU A 29 1.90 -11.82 27.21
N GLY A 30 1.26 -11.42 28.31
CA GLY A 30 0.87 -9.98 28.60
C GLY A 30 -0.52 -9.76 28.06
N ALA A 31 -1.47 -10.48 28.66
CA ALA A 31 -2.83 -10.55 28.17
C ALA A 31 -3.85 -9.51 28.72
N THR A 32 -3.43 -8.72 29.70
CA THR A 32 -4.33 -7.83 30.42
C THR A 32 -4.28 -6.37 29.97
N GLY A 33 -3.38 -6.02 29.06
CA GLY A 33 -3.30 -4.68 28.48
C GLY A 33 -3.95 -4.59 27.11
N SER A 34 -3.56 -3.57 26.38
CA SER A 34 -4.10 -3.19 25.11
C SER A 34 -4.01 -4.28 24.03
N ILE A 35 -2.84 -4.88 23.88
CA ILE A 35 -2.66 -5.94 22.88
C ILE A 35 -3.52 -7.13 23.21
N GLY A 36 -3.57 -7.49 24.49
CA GLY A 36 -4.40 -8.55 24.94
C GLY A 36 -5.87 -8.31 24.73
N ASP A 37 -6.31 -7.09 24.99
CA ASP A 37 -7.71 -6.76 24.75
C ASP A 37 -8.03 -6.95 23.28
N SER A 38 -7.20 -6.39 22.40
CA SER A 38 -7.52 -6.44 20.99
C SER A 38 -7.47 -7.89 20.44
N THR A 39 -6.48 -8.65 20.92
CA THR A 39 -6.34 -10.03 20.50
C THR A 39 -7.55 -10.85 20.94
N LEU A 40 -7.93 -10.72 22.20
CA LEU A 40 -9.07 -11.47 22.72
C LEU A 40 -10.37 -11.10 22.06
N ALA A 41 -10.54 -9.84 21.63
CA ALA A 41 -11.70 -9.41 20.95
C ALA A 41 -11.78 -10.11 19.60
N ILE A 42 -10.64 -10.27 18.92
CA ILE A 42 -10.65 -11.03 17.66
C ILE A 42 -11.00 -12.50 17.88
N ILE A 43 -10.48 -13.07 18.94
CA ILE A 43 -10.78 -14.47 19.23
C ILE A 43 -12.27 -14.70 19.53
N ARG A 44 -12.89 -13.80 20.30
CA ARG A 44 -14.34 -13.82 20.50
C ARG A 44 -15.12 -13.89 19.22
N GLN A 45 -14.69 -13.17 18.20
CA GLN A 45 -15.35 -13.17 16.93
C GLN A 45 -15.03 -14.41 16.06
N HIS A 46 -13.98 -15.14 16.36
CA HIS A 46 -13.58 -16.24 15.45
C HIS A 46 -13.20 -17.51 16.19
N PRO A 47 -14.17 -18.10 16.94
CA PRO A 47 -13.92 -19.32 17.73
C PRO A 47 -13.50 -20.52 16.88
N ASN A 48 -13.88 -20.59 15.61
CA ASN A 48 -13.41 -21.72 14.80
C ASN A 48 -11.94 -21.64 14.41
N ARG A 49 -11.30 -20.49 14.54
CA ARG A 49 -9.93 -20.37 14.12
C ARG A 49 -8.97 -20.29 15.28
N TYR A 50 -9.41 -19.73 16.41
CA TYR A 50 -8.49 -19.46 17.52
C TYR A 50 -9.10 -19.92 18.80
N ARG A 51 -8.29 -20.58 19.60
CA ARG A 51 -8.62 -20.91 21.00
C ARG A 51 -7.43 -20.60 21.95
N ILE A 52 -7.78 -20.19 23.16
CA ILE A 52 -6.84 -19.82 24.15
C ILE A 52 -6.37 -21.00 24.94
N HIS A 53 -5.05 -21.24 24.91
CA HIS A 53 -4.45 -22.21 25.74
C HIS A 53 -3.90 -21.59 27.04
N ALA A 54 -3.38 -20.37 26.97
CA ALA A 54 -2.76 -19.76 28.15
C ALA A 54 -2.75 -18.25 28.10
N LEU A 55 -2.77 -17.64 29.28
CA LEU A 55 -2.76 -16.20 29.42
C LEU A 55 -1.85 -15.85 30.55
N THR A 56 -1.20 -14.73 30.42
CA THR A 56 -0.34 -14.26 31.48
C THR A 56 -0.61 -12.83 31.82
N GLY A 57 -0.33 -12.47 33.08
CA GLY A 57 -0.48 -11.08 33.52
C GLY A 57 0.16 -10.92 34.86
N PHE A 58 1.07 -9.99 34.92
CA PHE A 58 1.95 -9.86 36.02
C PHE A 58 1.23 -9.16 37.23
N SER A 59 0.35 -8.19 36.94
CA SER A 59 -0.20 -7.28 37.93
C SER A 59 -1.72 -7.27 38.08
N ARG A 60 -2.46 -7.58 37.02
CA ARG A 60 -3.88 -7.42 37.02
C ARG A 60 -4.57 -8.69 37.30
N VAL A 61 -4.59 -9.01 38.60
CA VAL A 61 -5.01 -10.31 39.03
C VAL A 61 -6.47 -10.53 38.77
N ASP A 62 -7.29 -9.54 39.14
CA ASP A 62 -8.73 -9.70 38.94
C ASP A 62 -9.12 -9.77 37.48
N LYS A 63 -8.51 -8.91 36.67
CA LYS A 63 -8.76 -9.02 35.19
C LYS A 63 -8.29 -10.40 34.64
N LEU A 64 -7.10 -10.83 35.08
CA LEU A 64 -6.61 -12.16 34.62
C LEU A 64 -7.58 -13.22 35.02
N LEU A 65 -8.08 -13.13 36.28
CA LEU A 65 -9.07 -14.11 36.72
C LEU A 65 -10.30 -14.06 35.84
N ALA A 66 -10.83 -12.87 35.56
CA ALA A 66 -12.00 -12.78 34.67
C ALA A 66 -11.77 -13.38 33.26
N LEU A 67 -10.56 -13.17 32.71
CA LEU A 67 -10.21 -13.75 31.40
C LEU A 67 -10.17 -15.26 31.48
N ALA A 68 -9.63 -15.77 32.58
CA ALA A 68 -9.58 -17.21 32.80
C ALA A 68 -10.95 -17.81 32.91
N MET A 69 -11.83 -17.13 33.66
CA MET A 69 -13.23 -17.60 33.76
C MET A 69 -13.94 -17.59 32.39
N GLU A 70 -13.61 -16.62 31.53
CA GLU A 70 -14.20 -16.58 30.20
C GLU A 70 -13.56 -17.58 29.22
N PHE A 71 -12.22 -17.65 29.19
CA PHE A 71 -11.57 -18.44 28.11
C PHE A 71 -11.13 -19.86 28.54
N HIS A 72 -11.13 -20.15 29.83
CA HIS A 72 -10.78 -21.49 30.32
C HIS A 72 -9.40 -21.94 29.78
N PRO A 73 -8.39 -21.09 29.98
CA PRO A 73 -7.05 -21.52 29.65
C PRO A 73 -6.58 -22.73 30.47
N VAL A 74 -5.72 -23.55 29.86
CA VAL A 74 -5.11 -24.64 30.60
C VAL A 74 -4.16 -24.07 31.67
N LYS A 75 -3.46 -23.00 31.34
CA LYS A 75 -2.45 -22.42 32.21
C LYS A 75 -2.49 -20.90 32.22
N ILE A 76 -2.13 -20.31 33.35
CA ILE A 76 -1.95 -18.89 33.44
C ILE A 76 -0.76 -18.63 34.29
N CYS A 77 -0.19 -17.44 34.24
CA CYS A 77 1.01 -17.13 34.96
C CYS A 77 0.92 -15.71 35.45
N THR A 78 1.40 -15.46 36.65
CA THR A 78 1.41 -14.12 37.17
C THR A 78 2.74 -13.92 37.83
N SER A 79 2.93 -12.82 38.53
CA SER A 79 4.21 -12.56 39.22
C SER A 79 4.31 -13.43 40.47
N PRO A 80 5.53 -13.70 40.93
CA PRO A 80 5.71 -14.45 42.20
C PRO A 80 4.93 -13.86 43.41
N ASP A 81 4.98 -12.55 43.55
CA ASP A 81 4.20 -11.82 44.58
C ASP A 81 2.67 -11.99 44.48
N ASN A 82 2.11 -12.19 43.28
CA ASN A 82 0.66 -12.34 43.16
C ASN A 82 0.17 -13.76 43.05
N TYR A 83 1.08 -14.71 43.07
CA TYR A 83 0.74 -16.09 42.90
C TYR A 83 -0.30 -16.57 43.94
N ALA A 84 -0.05 -16.32 45.22
CA ALA A 84 -0.94 -16.83 46.31
C ALA A 84 -2.35 -16.23 46.15
N GLN A 85 -2.44 -14.92 45.99
CA GLN A 85 -3.71 -14.29 45.72
C GLN A 85 -4.44 -14.83 44.51
N LEU A 86 -3.75 -14.93 43.37
CA LEU A 86 -4.39 -15.47 42.20
C LEU A 86 -4.85 -16.92 42.43
N SER A 87 -4.00 -17.74 43.04
CA SER A 87 -4.38 -19.15 43.25
C SER A 87 -5.65 -19.27 44.14
N GLN A 88 -5.72 -18.48 45.20
CA GLN A 88 -6.94 -18.33 46.02
C GLN A 88 -8.22 -18.09 45.19
N LYS A 89 -8.13 -17.10 44.30
CA LYS A 89 -9.28 -16.64 43.52
C LYS A 89 -9.68 -17.67 42.50
N VAL A 90 -8.71 -18.35 41.95
CA VAL A 90 -8.98 -19.36 40.95
C VAL A 90 -9.75 -20.53 41.58
N THR A 91 -9.32 -20.92 42.77
CA THR A 91 -9.89 -22.07 43.44
C THR A 91 -11.28 -21.71 43.99
N ASP A 92 -11.44 -20.48 44.49
CA ASP A 92 -12.78 -19.92 44.80
C ASP A 92 -13.77 -20.02 43.65
N ALA A 93 -13.31 -19.81 42.42
CA ALA A 93 -14.21 -19.83 41.29
C ALA A 93 -14.39 -21.26 40.77
N GLY A 94 -13.77 -22.26 41.41
CA GLY A 94 -13.98 -23.66 40.99
C GLY A 94 -13.29 -24.01 39.67
N LEU A 95 -12.34 -23.18 39.28
CA LEU A 95 -11.57 -23.37 38.04
C LEU A 95 -10.45 -24.39 38.15
N ASP A 96 -10.30 -25.16 37.10
CA ASP A 96 -9.30 -26.20 36.99
C ASP A 96 -7.91 -25.74 36.47
N THR A 97 -7.70 -24.43 36.40
CA THR A 97 -6.52 -23.94 35.67
C THR A 97 -5.18 -24.13 36.46
N ILE A 98 -4.12 -24.40 35.72
CA ILE A 98 -2.80 -24.50 36.31
C ILE A 98 -2.24 -23.09 36.49
N ILE A 99 -1.73 -22.76 37.66
CA ILE A 99 -1.21 -21.46 37.82
C ILE A 99 0.20 -21.08 37.28
N LEU A 100 1.27 -21.25 37.92
CA LEU A 100 2.56 -20.66 37.32
C LEU A 100 2.89 -19.25 37.67
N SER A 101 4.16 -19.04 37.96
CA SER A 101 4.62 -17.73 38.27
C SER A 101 6.03 -17.45 37.73
N GLY A 102 6.35 -16.18 37.55
CA GLY A 102 7.76 -15.77 37.33
C GLY A 102 8.27 -16.05 35.91
N ASP A 103 9.58 -15.82 35.74
CA ASP A 103 10.23 -15.93 34.41
C ASP A 103 10.05 -17.33 33.85
N GLU A 104 10.18 -18.35 34.68
CA GLU A 104 10.11 -19.72 34.19
C GLU A 104 8.70 -20.13 33.88
N GLY A 105 7.71 -19.51 34.53
CA GLY A 105 6.34 -19.77 34.07
C GLY A 105 6.02 -19.28 32.69
N LEU A 106 6.54 -18.09 32.35
CA LEU A 106 6.41 -17.53 30.98
C LEU A 106 7.06 -18.39 29.96
N ILE A 107 8.30 -18.83 30.27
CA ILE A 107 9.01 -19.74 29.38
C ILE A 107 8.26 -21.03 29.16
N GLU A 108 7.76 -21.63 30.24
CA GLU A 108 6.96 -22.85 30.10
C GLU A 108 5.79 -22.62 29.17
N ILE A 109 5.07 -21.53 29.39
CA ILE A 109 3.88 -21.30 28.54
C ILE A 109 4.25 -21.09 27.05
N ALA A 110 5.32 -20.32 26.82
CA ALA A 110 5.73 -19.98 25.47
C ALA A 110 6.26 -21.18 24.71
N SER A 111 6.81 -22.15 25.42
CA SER A 111 7.41 -23.33 24.76
C SER A 111 6.56 -24.59 24.78
N ASP A 112 5.37 -24.48 25.34
CA ASP A 112 4.42 -25.59 25.52
C ASP A 112 4.07 -26.21 24.21
N GLU A 113 4.17 -27.53 24.14
CA GLU A 113 3.82 -28.27 22.96
C GLU A 113 2.36 -28.09 22.48
N ALA A 114 1.43 -27.85 23.37
CA ALA A 114 0.03 -27.65 22.96
C ALA A 114 -0.23 -26.23 22.39
N VAL A 115 0.79 -25.35 22.44
CA VAL A 115 0.65 -23.96 21.89
C VAL A 115 1.12 -23.92 20.44
N ASP A 116 0.33 -23.36 19.53
CA ASP A 116 0.77 -23.10 18.15
C ASP A 116 1.38 -21.69 18.00
N THR A 117 0.77 -20.69 18.64
CA THR A 117 1.01 -19.29 18.34
C THR A 117 1.16 -18.55 19.61
N VAL A 118 2.22 -17.76 19.70
CA VAL A 118 2.51 -16.97 20.91
C VAL A 118 2.35 -15.49 20.55
N VAL A 119 1.51 -14.80 21.30
CA VAL A 119 1.38 -13.36 21.21
C VAL A 119 2.29 -12.75 22.26
N ALA A 120 3.38 -12.12 21.79
CA ALA A 120 4.40 -11.67 22.70
C ALA A 120 4.24 -10.20 22.99
N ALA A 121 3.51 -9.90 24.09
CA ALA A 121 3.14 -8.55 24.41
C ALA A 121 3.62 -8.13 25.75
N ILE A 122 4.64 -8.79 26.30
CA ILE A 122 5.19 -8.37 27.54
C ILE A 122 6.21 -7.28 27.24
N VAL A 123 6.04 -6.14 27.88
CA VAL A 123 6.91 -4.94 27.66
C VAL A 123 8.30 -5.08 28.29
N GLY A 124 9.34 -4.70 27.54
CA GLY A 124 10.69 -4.51 28.10
C GLY A 124 11.49 -5.79 28.16
N ALA A 125 12.57 -5.76 28.91
CA ALA A 125 13.45 -6.94 29.14
C ALA A 125 12.77 -8.15 29.77
N ALA A 126 11.69 -7.90 30.51
CA ALA A 126 10.91 -8.99 31.10
C ALA A 126 10.42 -9.99 30.06
N GLY A 127 10.24 -9.54 28.82
CA GLY A 127 9.73 -10.40 27.77
C GLY A 127 10.74 -11.17 26.98
N LEU A 128 12.00 -10.88 27.19
CA LEU A 128 13.04 -11.44 26.31
C LEU A 128 13.15 -12.97 26.40
N SER A 129 13.25 -13.53 27.59
CA SER A 129 13.53 -15.00 27.67
C SER A 129 12.35 -15.82 27.20
N SER A 130 11.09 -15.35 27.36
CA SER A 130 9.97 -16.16 26.82
C SER A 130 9.90 -16.02 25.32
N THR A 131 10.24 -14.86 24.80
CA THR A 131 10.29 -14.71 23.34
C THR A 131 11.34 -15.66 22.74
N LEU A 132 12.49 -15.72 23.34
CA LEU A 132 13.53 -16.67 22.90
C LEU A 132 13.03 -18.11 22.99
N ALA A 133 12.32 -18.44 24.09
CA ALA A 133 11.78 -19.84 24.23
C ALA A 133 10.80 -20.14 23.18
N ALA A 134 9.91 -19.18 22.85
CA ALA A 134 8.96 -19.43 21.79
C ALA A 134 9.69 -19.65 20.43
N ALA A 135 10.70 -18.83 20.19
CA ALA A 135 11.50 -18.95 18.93
C ALA A 135 12.17 -20.32 18.88
N GLY A 136 12.73 -20.69 20.00
CA GLY A 136 13.47 -21.95 20.17
C GLY A 136 12.53 -23.17 19.99
N ALA A 137 11.21 -22.99 20.24
CA ALA A 137 10.22 -24.07 20.09
C ALA A 137 9.52 -24.03 18.78
N GLY A 138 9.89 -23.12 17.86
CA GLY A 138 9.31 -23.13 16.54
C GLY A 138 7.92 -22.59 16.45
N LYS A 139 7.51 -21.72 17.39
CA LYS A 139 6.16 -21.16 17.38
C LYS A 139 5.96 -20.09 16.37
N ARG A 140 4.71 -19.90 15.91
CA ARG A 140 4.40 -18.65 15.28
C ARG A 140 4.34 -17.55 16.36
N ILE A 141 5.09 -16.47 16.16
CA ILE A 141 5.24 -15.37 17.14
C ILE A 141 4.64 -14.09 16.58
N LEU A 142 3.61 -13.56 17.24
CA LEU A 142 3.04 -12.28 16.91
C LEU A 142 3.71 -11.31 17.88
N LEU A 143 4.61 -10.51 17.34
CA LEU A 143 5.52 -9.77 18.15
C LEU A 143 5.07 -8.32 18.41
N ALA A 144 4.78 -8.01 19.68
CA ALA A 144 4.49 -6.68 20.13
C ALA A 144 5.44 -6.17 21.20
N ASN A 145 6.61 -6.69 21.34
CA ASN A 145 7.54 -6.39 22.43
C ASN A 145 8.82 -6.00 21.71
N LYS A 146 8.91 -4.74 21.28
CA LYS A 146 10.05 -4.33 20.51
C LYS A 146 11.41 -4.35 21.26
N GLU A 147 11.39 -4.23 22.58
CA GLU A 147 12.63 -4.26 23.34
C GLU A 147 13.35 -5.59 23.24
N SER A 148 12.64 -6.68 22.94
CA SER A 148 13.33 -7.92 22.75
C SER A 148 14.24 -7.90 21.51
N LEU A 149 13.83 -7.21 20.45
CA LEU A 149 14.71 -7.06 19.30
C LEU A 149 15.76 -5.97 19.50
N VAL A 150 15.50 -4.99 20.35
CA VAL A 150 16.53 -3.95 20.55
C VAL A 150 17.68 -4.57 21.32
N MET A 151 17.33 -5.34 22.36
CA MET A 151 18.29 -5.99 23.25
C MET A 151 18.95 -7.24 22.64
N ALA A 152 18.24 -7.95 21.75
CA ALA A 152 18.58 -9.32 21.40
C ALA A 152 18.22 -9.69 20.01
N GLY A 153 18.25 -8.70 19.12
CA GLY A 153 17.69 -8.91 17.84
C GLY A 153 18.34 -10.01 17.02
N ASP A 154 19.63 -10.02 16.97
CA ASP A 154 20.35 -11.05 16.19
C ASP A 154 20.06 -12.43 16.82
N LEU A 155 20.11 -12.52 18.13
CA LEU A 155 19.87 -13.78 18.81
C LEU A 155 18.44 -14.28 18.57
N VAL A 156 17.46 -13.39 18.69
CA VAL A 156 16.09 -13.79 18.45
C VAL A 156 15.85 -14.21 17.00
N ILE A 157 16.27 -13.43 16.03
CA ILE A 157 16.05 -13.74 14.68
C ILE A 157 16.78 -15.07 14.28
N LYS A 158 18.04 -15.22 14.69
CA LYS A 158 18.77 -16.46 14.36
C LYS A 158 18.06 -17.67 14.95
N THR A 159 17.64 -17.57 16.22
CA THR A 159 17.03 -18.70 16.92
C THR A 159 15.71 -19.08 16.19
N ALA A 160 14.93 -18.07 15.81
CA ALA A 160 13.68 -18.35 15.12
C ALA A 160 13.95 -19.05 13.78
N LYS A 161 14.96 -18.56 13.05
CA LYS A 161 15.29 -19.13 11.77
C LYS A 161 15.74 -20.62 11.93
N LYS A 162 16.55 -20.88 12.96
CA LYS A 162 17.09 -22.23 13.19
C LYS A 162 15.98 -23.21 13.52
N HIS A 163 14.94 -22.75 14.23
CA HIS A 163 13.88 -23.63 14.68
C HIS A 163 12.61 -23.53 13.99
N GLY A 164 12.57 -22.77 12.90
CA GLY A 164 11.37 -22.71 12.11
C GLY A 164 10.22 -21.90 12.76
N ALA A 165 10.53 -20.95 13.62
CA ALA A 165 9.52 -20.05 14.17
C ALA A 165 9.28 -18.96 13.16
N THR A 166 8.06 -18.50 13.03
CA THR A 166 7.70 -17.49 12.05
C THR A 166 7.40 -16.22 12.90
N ILE A 167 8.06 -15.11 12.63
CA ILE A 167 7.79 -13.83 13.35
C ILE A 167 6.94 -12.93 12.48
N LEU A 168 5.79 -12.51 13.01
CA LEU A 168 4.91 -11.54 12.37
C LEU A 168 4.81 -10.31 13.31
N PRO A 169 5.17 -9.12 12.84
CA PRO A 169 5.12 -7.91 13.69
C PRO A 169 3.68 -7.48 13.86
N ILE A 170 3.30 -7.20 15.08
CA ILE A 170 2.00 -6.61 15.26
C ILE A 170 2.04 -5.15 15.80
N ASP A 171 3.23 -4.60 16.01
CA ASP A 171 3.35 -3.14 16.18
C ASP A 171 2.83 -2.49 14.90
N SER A 172 2.17 -1.36 15.06
CA SER A 172 1.49 -0.71 13.92
C SER A 172 2.39 -0.42 12.74
N GLU A 173 3.53 0.22 13.01
CA GLU A 173 4.41 0.64 11.95
C GLU A 173 5.05 -0.58 11.22
N HIS A 174 5.53 -1.53 11.98
CA HIS A 174 6.22 -2.68 11.40
C HIS A 174 5.22 -3.60 10.70
N ASN A 175 4.03 -3.72 11.26
CA ASN A 175 2.96 -4.47 10.57
C ASN A 175 2.63 -3.82 9.26
N ALA A 176 2.55 -2.48 9.25
CA ALA A 176 2.29 -1.77 8.02
C ALA A 176 3.38 -2.04 6.94
N ILE A 177 4.62 -1.89 7.33
CA ILE A 177 5.76 -2.21 6.42
C ILE A 177 5.67 -3.67 5.88
N TYR A 178 5.41 -4.60 6.75
CA TYR A 178 5.25 -6.02 6.41
C TYR A 178 4.18 -6.23 5.38
N GLN A 179 3.03 -5.56 5.54
CA GLN A 179 1.94 -5.68 4.60
C GLN A 179 2.31 -5.16 3.26
N CYS A 180 3.24 -4.15 3.21
CA CYS A 180 3.64 -3.51 2.03
C CYS A 180 4.91 -4.07 1.36
N LEU A 181 5.38 -5.18 1.84
CA LEU A 181 6.46 -5.93 1.20
C LEU A 181 5.92 -7.17 0.42
N PRO A 182 6.66 -7.63 -0.61
CA PRO A 182 6.20 -8.81 -1.38
C PRO A 182 6.25 -10.08 -0.59
N ALA A 183 5.45 -11.07 -0.98
CA ALA A 183 5.35 -12.29 -0.20
C ALA A 183 6.69 -13.00 0.04
N ALA A 184 7.59 -12.98 -0.93
CA ALA A 184 8.83 -13.71 -0.78
C ALA A 184 9.67 -13.07 0.36
N ILE A 185 9.59 -11.75 0.49
CA ILE A 185 10.31 -11.03 1.55
C ILE A 185 9.62 -11.11 2.92
N GLN A 186 8.29 -11.13 2.93
CA GLN A 186 7.56 -11.51 4.15
C GLN A 186 7.97 -12.86 4.70
N ALA A 187 8.13 -13.86 3.82
CA ALA A 187 8.51 -15.21 4.30
C ALA A 187 10.01 -15.31 4.65
N ASP A 188 10.86 -14.63 3.90
CA ASP A 188 12.30 -14.67 4.14
C ASP A 188 12.88 -13.24 4.13
N ASN A 189 13.09 -12.69 5.33
CA ASN A 189 13.49 -11.30 5.41
C ASN A 189 14.76 -10.98 4.61
N THR A 190 15.67 -11.96 4.51
CA THR A 190 16.94 -11.75 3.77
C THR A 190 16.74 -11.57 2.30
N ALA A 191 15.58 -11.96 1.79
CA ALA A 191 15.34 -11.78 0.35
C ALA A 191 15.30 -10.32 -0.06
N ILE A 192 15.18 -9.43 0.92
CA ILE A 192 15.17 -8.01 0.63
C ILE A 192 16.40 -7.53 -0.08
N HIS A 193 17.48 -8.27 0.04
CA HIS A 193 18.71 -7.85 -0.58
C HIS A 193 18.79 -8.31 -2.04
N HIS A 194 17.84 -9.08 -2.55
CA HIS A 194 17.83 -9.35 -3.99
C HIS A 194 17.28 -8.11 -4.68
N THR A 195 18.05 -7.62 -5.58
CA THR A 195 17.76 -6.43 -6.33
C THR A 195 16.43 -6.49 -7.14
N SER A 196 16.05 -7.68 -7.56
CA SER A 196 14.88 -7.83 -8.41
C SER A 196 13.58 -7.37 -7.69
N TYR A 197 13.54 -7.42 -6.36
CA TYR A 197 12.31 -6.96 -5.61
C TYR A 197 12.17 -5.44 -5.55
N GLY A 198 13.29 -4.74 -5.79
CA GLY A 198 13.33 -3.32 -5.92
C GLY A 198 12.96 -2.53 -4.67
N ILE A 199 13.24 -3.05 -3.47
CA ILE A 199 13.04 -2.25 -2.25
C ILE A 199 14.16 -1.22 -2.16
N LYS A 200 13.79 0.04 -2.11
CA LYS A 200 14.76 1.09 -2.04
C LYS A 200 14.94 1.53 -0.58
N LYS A 201 13.86 1.80 0.16
CA LYS A 201 13.87 2.36 1.55
C LYS A 201 12.61 2.01 2.26
N LEU A 202 12.67 1.84 3.58
CA LEU A 202 11.50 1.83 4.45
C LEU A 202 11.32 3.19 5.07
N TRP A 203 10.07 3.56 5.26
CA TRP A 203 9.67 4.82 5.82
C TRP A 203 8.82 4.61 7.05
N LEU A 204 9.38 4.89 8.23
CA LEU A 204 8.59 4.83 9.44
C LEU A 204 7.91 6.17 9.65
N THR A 205 6.60 6.17 9.90
CA THR A 205 5.90 7.36 10.25
C THR A 205 5.97 7.53 11.76
N ALA A 206 5.94 8.78 12.20
CA ALA A 206 6.04 9.17 13.62
C ALA A 206 5.10 10.28 13.90
N SER A 207 4.36 10.21 14.97
CA SER A 207 3.42 11.27 15.22
C SER A 207 4.15 12.60 15.59
N GLY A 208 5.37 12.49 16.09
CA GLY A 208 6.13 13.69 16.57
C GLY A 208 6.04 13.93 18.06
N GLY A 209 5.09 13.30 18.73
CA GLY A 209 4.89 13.42 20.16
C GLY A 209 4.33 14.82 20.57
N SER A 210 4.16 15.02 21.86
CA SER A 210 3.53 16.25 22.37
C SER A 210 4.37 17.53 22.27
N PHE A 211 5.65 17.44 21.89
CA PHE A 211 6.46 18.62 21.73
C PHE A 211 6.76 18.90 20.35
N LEU A 212 6.02 18.25 19.44
CA LEU A 212 6.30 18.50 18.05
C LEU A 212 6.25 20.01 17.72
N ASP A 213 5.24 20.69 18.23
CA ASP A 213 5.07 22.16 17.98
C ASP A 213 5.51 23.02 19.16
N LYS A 214 6.52 22.56 19.88
CA LYS A 214 7.11 23.28 21.04
C LYS A 214 8.60 23.43 20.90
N SER A 215 9.20 24.41 21.56
CA SER A 215 10.63 24.63 21.36
C SER A 215 11.41 23.69 22.27
N ILE A 216 12.71 23.60 21.97
CA ILE A 216 13.65 22.93 22.80
C ILE A 216 13.59 23.49 24.21
N LYS A 217 13.46 24.80 24.34
CA LYS A 217 13.35 25.39 25.66
C LYS A 217 12.10 24.90 26.44
N GLN A 218 10.99 24.77 25.76
CA GLN A 218 9.79 24.28 26.49
C GLN A 218 9.97 22.78 26.90
N MET A 219 10.78 22.04 26.13
CA MET A 219 11.12 20.65 26.54
C MET A 219 11.97 20.65 27.78
N GLN A 220 13.01 21.48 27.75
CA GLN A 220 13.90 21.64 28.84
C GLN A 220 13.12 21.94 30.10
N ASN A 221 12.07 22.77 29.99
CA ASN A 221 11.41 23.25 31.19
C ASN A 221 10.14 22.44 31.49
N ALA A 222 9.84 21.41 30.71
CA ALA A 222 8.61 20.61 30.90
C ALA A 222 8.51 19.89 32.23
N SER A 223 7.33 19.98 32.86
CA SER A 223 7.06 19.24 34.09
C SER A 223 6.67 17.82 33.68
N VAL A 224 6.64 16.91 34.66
CA VAL A 224 6.28 15.54 34.31
C VAL A 224 4.88 15.50 33.75
N LYS A 225 3.94 16.14 34.48
CA LYS A 225 2.55 16.33 34.01
C LYS A 225 2.58 16.78 32.54
N GLU A 226 3.31 17.85 32.21
CA GLU A 226 3.30 18.35 30.81
C GLU A 226 3.83 17.32 29.78
N ALA A 227 4.81 16.50 30.22
CA ALA A 227 5.49 15.53 29.31
C ALA A 227 4.67 14.29 28.92
N VAL A 228 3.91 13.73 29.89
CA VAL A 228 3.05 12.55 29.61
C VAL A 228 1.79 12.95 28.79
N ASN A 229 1.18 14.08 29.15
CA ASN A 229 0.00 14.56 28.45
C ASN A 229 -1.31 13.97 29.04
N GLN A 237 4.39 7.06 33.14
CA GLN A 237 4.33 6.22 31.97
C GLN A 237 5.57 6.40 31.03
N LYS A 238 6.46 5.41 31.14
CA LYS A 238 7.60 5.29 30.24
C LYS A 238 7.28 5.57 28.77
N ILE A 239 6.16 5.04 28.32
CA ILE A 239 5.82 5.04 26.88
C ILE A 239 5.56 6.46 26.36
N SER A 240 4.89 7.27 27.20
CA SER A 240 4.58 8.66 26.80
C SER A 240 5.90 9.49 26.75
N ILE A 241 6.80 9.31 27.73
CA ILE A 241 8.12 9.98 27.71
C ILE A 241 8.86 9.62 26.43
N ASP A 242 8.94 8.32 26.11
CA ASP A 242 9.64 7.92 24.88
C ASP A 242 9.06 8.47 23.64
N SER A 243 7.77 8.63 23.63
CA SER A 243 7.14 9.33 22.54
C SER A 243 7.47 10.90 22.52
N ALA A 244 7.39 11.52 23.66
CA ALA A 244 7.87 12.96 23.86
C ALA A 244 9.31 13.19 23.33
N THR A 245 10.21 12.26 23.60
CA THR A 245 11.62 12.44 23.18
C THR A 245 11.94 11.92 21.82
N MET A 246 11.00 11.12 21.24
CA MET A 246 11.22 10.40 19.98
C MET A 246 12.15 9.16 20.18
N MET A 247 12.49 8.80 21.39
CA MET A 247 13.22 7.58 21.62
C MET A 247 12.37 6.38 21.14
N ASN A 248 11.05 6.48 21.30
CA ASN A 248 10.12 5.45 20.85
C ASN A 248 10.39 5.08 19.42
N LYS A 249 10.49 6.09 18.58
CA LYS A 249 10.81 5.92 17.20
C LYS A 249 12.23 5.38 16.92
N GLY A 250 13.18 5.81 17.70
CA GLY A 250 14.53 5.28 17.54
C GLY A 250 14.58 3.78 17.88
N LEU A 251 13.86 3.35 18.92
CA LEU A 251 13.74 1.95 19.27
C LEU A 251 13.00 1.18 18.15
N GLU A 252 11.96 1.76 17.57
CA GLU A 252 11.28 1.17 16.42
C GLU A 252 12.22 1.03 15.23
N LEU A 253 13.13 1.96 15.02
CA LEU A 253 14.05 1.92 13.94
C LEU A 253 14.97 0.72 14.12
N ILE A 254 15.50 0.56 15.32
CA ILE A 254 16.32 -0.62 15.63
C ILE A 254 15.58 -1.92 15.41
N GLU A 255 14.37 -1.96 15.92
CA GLU A 255 13.50 -3.10 15.69
C GLU A 255 13.31 -3.42 14.22
N ALA A 256 13.06 -2.42 13.43
CA ALA A 256 12.96 -2.58 11.99
C ALA A 256 14.21 -3.09 11.32
N CYS A 257 15.35 -2.61 11.73
CA CYS A 257 16.64 -3.15 11.21
C CYS A 257 16.71 -4.71 11.33
N HIS A 258 16.29 -5.24 12.47
CA HIS A 258 16.23 -6.67 12.64
C HIS A 258 15.15 -7.36 11.93
N LEU A 259 13.91 -6.91 12.05
CA LEU A 259 12.79 -7.60 11.46
C LEU A 259 12.96 -7.64 9.96
N PHE A 260 13.43 -6.53 9.37
CA PHE A 260 13.50 -6.42 7.92
C PHE A 260 14.90 -6.62 7.33
N ASP A 261 15.85 -6.97 8.16
CA ASP A 261 17.22 -7.36 7.76
C ASP A 261 17.97 -6.22 7.00
N LEU A 262 17.78 -4.99 7.45
CA LEU A 262 18.38 -3.83 6.84
C LEU A 262 19.31 -3.08 7.84
N LYS A 263 20.23 -2.30 7.31
CA LYS A 263 20.96 -1.32 8.08
C LYS A 263 20.16 -0.05 8.26
N GLU A 264 20.51 0.74 9.28
CA GLU A 264 19.72 1.90 9.60
C GLU A 264 19.63 2.91 8.45
N HIS A 265 20.64 3.01 7.59
N HIS A 265 20.64 3.00 7.60
CA HIS A 265 20.61 4.04 6.54
CA HIS A 265 20.61 4.04 6.58
C HIS A 265 19.43 3.78 5.59
C HIS A 265 19.53 3.73 5.51
N GLN A 266 18.95 2.53 5.52
CA GLN A 266 17.91 2.19 4.55
C GLN A 266 16.49 2.38 5.17
N ILE A 267 16.42 2.91 6.38
CA ILE A 267 15.17 3.14 7.09
C ILE A 267 15.07 4.63 7.47
N GLN A 268 14.16 5.34 6.87
CA GLN A 268 14.01 6.75 7.12
C GLN A 268 12.72 7.03 7.95
N VAL A 269 12.67 8.23 8.56
CA VAL A 269 11.55 8.60 9.44
C VAL A 269 10.87 9.83 8.84
N VAL A 270 9.55 9.80 8.83
CA VAL A 270 8.77 10.99 8.38
C VAL A 270 7.77 11.32 9.46
N ILE A 271 7.70 12.59 9.84
CA ILE A 271 6.72 13.01 10.83
C ILE A 271 5.36 13.13 10.18
N HIS A 272 4.35 12.55 10.83
CA HIS A 272 2.99 12.45 10.29
C HIS A 272 2.09 12.54 11.45
N PRO A 273 1.65 13.78 11.78
CA PRO A 273 0.94 13.92 13.04
C PRO A 273 -0.43 13.27 13.13
N ASN A 274 -1.09 13.11 11.99
CA ASN A 274 -2.44 12.48 11.95
C ASN A 274 -2.42 10.97 12.27
N SER A 275 -1.28 10.31 12.08
CA SER A 275 -1.12 8.84 12.30
C SER A 275 -2.18 8.04 11.48
N VAL A 276 -2.52 8.50 10.29
CA VAL A 276 -3.38 7.71 9.37
C VAL A 276 -2.50 6.75 8.56
N VAL A 277 -1.49 7.28 7.88
CA VAL A 277 -0.48 6.48 7.25
C VAL A 277 0.41 5.81 8.29
N HIS A 278 0.46 4.48 8.30
CA HIS A 278 1.10 3.80 9.40
C HIS A 278 2.57 3.47 9.15
N SER A 279 3.00 3.57 7.88
CA SER A 279 4.35 3.51 7.41
C SER A 279 4.31 3.20 5.95
N LEU A 280 5.46 3.30 5.28
CA LEU A 280 5.54 3.10 3.83
C LEU A 280 6.75 2.34 3.41
N VAL A 281 6.68 1.74 2.21
CA VAL A 281 7.80 1.08 1.55
C VAL A 281 8.05 1.74 0.24
N GLU A 282 9.28 2.26 0.03
CA GLU A 282 9.64 2.90 -1.22
C GLU A 282 10.34 1.96 -2.13
N TYR A 283 9.82 1.82 -3.37
CA TYR A 283 10.37 0.94 -4.40
C TYR A 283 11.17 1.76 -5.43
N VAL A 284 12.05 1.07 -6.17
CA VAL A 284 12.99 1.73 -7.08
C VAL A 284 12.34 2.31 -8.29
N ASP A 285 11.08 1.91 -8.61
CA ASP A 285 10.39 2.57 -9.73
C ASP A 285 9.73 3.87 -9.36
N GLY A 286 9.76 4.22 -8.08
CA GLY A 286 9.08 5.42 -7.60
C GLY A 286 7.79 5.16 -6.80
N SER A 287 7.35 3.91 -6.77
CA SER A 287 6.12 3.58 -6.06
C SER A 287 6.37 3.57 -4.57
N PHE A 288 5.52 4.24 -3.81
CA PHE A 288 5.50 4.09 -2.43
C PHE A 288 4.26 3.31 -2.07
N LEU A 289 4.41 2.14 -1.43
CA LEU A 289 3.26 1.40 -0.93
C LEU A 289 3.11 1.73 0.56
N ALA A 290 1.87 2.03 0.94
CA ALA A 290 1.57 2.33 2.33
C ALA A 290 0.38 1.57 2.85
N GLN A 291 0.31 1.41 4.15
CA GLN A 291 -0.90 0.95 4.84
C GLN A 291 -1.44 2.11 5.68
N LEU A 292 -2.73 2.32 5.57
CA LEU A 292 -3.46 3.31 6.31
C LEU A 292 -4.48 2.66 7.15
N GLY A 293 -4.82 3.26 8.29
CA GLY A 293 -5.82 2.70 9.14
C GLY A 293 -6.10 3.59 10.33
N THR A 294 -6.87 3.08 11.25
CA THR A 294 -7.16 3.77 12.50
C THR A 294 -6.18 3.29 13.53
N PRO A 295 -6.23 3.86 14.78
CA PRO A 295 -5.28 3.36 15.79
C PRO A 295 -5.66 2.01 16.36
N ASP A 296 -6.83 1.43 16.00
CA ASP A 296 -7.30 0.23 16.64
C ASP A 296 -6.36 -0.96 16.30
N MET A 297 -5.84 -1.59 17.35
CA MET A 297 -4.79 -2.62 17.20
C MET A 297 -5.38 -3.94 16.69
N LYS A 298 -6.71 -4.07 16.64
CA LYS A 298 -7.29 -5.22 15.97
C LYS A 298 -6.92 -5.37 14.48
N THR A 299 -6.62 -4.25 13.81
CA THR A 299 -6.28 -4.30 12.43
C THR A 299 -4.95 -5.11 12.19
N PRO A 300 -3.83 -4.67 12.79
CA PRO A 300 -2.55 -5.43 12.61
C PRO A 300 -2.61 -6.79 13.24
N ILE A 301 -3.30 -6.93 14.37
CA ILE A 301 -3.41 -8.22 14.98
C ILE A 301 -4.21 -9.21 14.14
N ALA A 302 -5.30 -8.75 13.49
CA ALA A 302 -6.05 -9.63 12.66
C ALA A 302 -5.23 -9.99 11.43
N HIS A 303 -4.50 -9.04 10.88
CA HIS A 303 -3.65 -9.31 9.74
C HIS A 303 -2.65 -10.44 10.05
N ALA A 304 -2.06 -10.40 11.23
CA ALA A 304 -1.01 -11.34 11.62
C ALA A 304 -1.60 -12.65 12.02
N LEU A 305 -2.73 -12.65 12.74
CA LEU A 305 -3.36 -13.89 13.13
C LEU A 305 -3.75 -14.75 11.94
N ALA A 306 -4.35 -14.15 10.95
CA ALA A 306 -4.87 -14.90 9.84
C ALA A 306 -3.83 -15.17 8.72
N TYR A 307 -2.73 -14.40 8.71
CA TYR A 307 -1.72 -14.43 7.64
C TYR A 307 -1.47 -15.91 7.22
N PRO A 308 -1.52 -16.25 5.93
CA PRO A 308 -1.58 -15.33 4.80
C PRO A 308 -2.98 -14.92 4.37
N GLU A 309 -3.98 -15.49 5.03
CA GLU A 309 -5.37 -15.08 4.79
C GLU A 309 -5.67 -13.78 5.55
N ARG A 310 -6.84 -13.25 5.28
CA ARG A 310 -7.36 -12.08 5.98
C ARG A 310 -8.71 -12.44 6.63
N ILE A 311 -9.03 -11.76 7.73
CA ILE A 311 -10.27 -11.98 8.44
C ILE A 311 -10.90 -10.65 8.86
N LYS A 312 -12.20 -10.66 9.05
CA LYS A 312 -12.87 -9.50 9.66
C LYS A 312 -12.33 -9.26 11.06
N SER A 313 -12.09 -8.00 11.40
CA SER A 313 -11.55 -7.64 12.66
C SER A 313 -12.54 -6.98 13.62
N GLY A 314 -13.70 -6.56 13.13
CA GLY A 314 -14.64 -5.79 13.92
C GLY A 314 -14.30 -4.30 14.15
N VAL A 315 -13.31 -3.74 13.49
CA VAL A 315 -12.93 -2.33 13.77
C VAL A 315 -13.98 -1.42 13.18
N MET A 316 -14.07 -0.21 13.72
CA MET A 316 -14.73 0.87 13.00
C MET A 316 -13.72 1.26 11.93
N PRO A 317 -14.08 1.10 10.67
CA PRO A 317 -13.01 1.39 9.68
C PRO A 317 -12.68 2.85 9.52
N LEU A 318 -11.48 3.11 9.04
CA LEU A 318 -11.09 4.41 8.60
C LEU A 318 -12.14 5.02 7.67
N ASP A 319 -12.48 6.30 7.90
CA ASP A 319 -13.48 6.98 7.14
C ASP A 319 -12.76 7.96 6.23
N LEU A 320 -12.54 7.55 4.98
CA LEU A 320 -11.78 8.38 4.07
C LEU A 320 -12.40 9.74 3.77
N TYR A 321 -13.71 9.80 3.84
CA TYR A 321 -14.39 11.02 3.52
C TYR A 321 -14.22 12.05 4.65
N GLN A 322 -13.79 11.61 5.84
CA GLN A 322 -13.78 12.48 7.03
C GLN A 322 -12.41 12.55 7.56
N LEU A 323 -11.43 12.68 6.70
CA LEU A 323 -10.11 12.81 7.20
C LEU A 323 -9.85 14.30 7.18
N GLY A 324 -9.22 14.82 8.23
CA GLY A 324 -8.59 16.14 8.11
C GLY A 324 -7.45 15.97 7.11
N SER A 325 -6.88 17.08 6.67
CA SER A 325 -5.59 17.17 6.01
C SER A 325 -4.52 16.26 6.58
N LEU A 326 -3.92 15.38 5.77
CA LEU A 326 -2.76 14.62 6.20
C LEU A 326 -1.47 15.42 5.96
N LYS A 327 -0.64 15.52 6.97
CA LYS A 327 0.58 16.28 6.88
C LYS A 327 1.78 15.43 7.10
N PHE A 328 2.83 15.75 6.39
CA PHE A 328 4.09 15.08 6.47
C PHE A 328 5.20 16.13 6.60
N LEU A 329 6.22 15.85 7.39
CA LEU A 329 7.39 16.72 7.46
C LEU A 329 8.62 16.04 7.93
N ALA A 330 9.78 16.67 7.65
CA ALA A 330 11.10 16.18 8.09
C ALA A 330 11.19 16.22 9.58
N PRO A 331 11.74 15.17 10.19
CA PRO A 331 11.94 15.19 11.65
C PRO A 331 13.09 16.17 12.04
N ASP A 332 12.90 16.85 13.13
CA ASP A 332 13.91 17.88 13.60
C ASP A 332 14.88 17.15 14.53
N LEU A 333 16.00 16.73 13.98
CA LEU A 333 16.92 15.86 14.74
C LEU A 333 17.76 16.59 15.77
N ASP A 334 17.87 17.90 15.63
CA ASP A 334 18.47 18.74 16.67
C ASP A 334 17.54 18.75 17.86
N LYS A 335 16.25 18.87 17.67
CA LYS A 335 15.34 18.75 18.81
C LYS A 335 15.18 17.31 19.33
N PHE A 336 15.03 16.37 18.40
CA PHE A 336 14.82 14.97 18.83
C PHE A 336 16.10 14.15 18.83
N ALA A 337 16.99 14.57 19.76
CA ALA A 337 18.35 14.04 19.79
C ALA A 337 18.30 12.51 20.09
N CYS A 338 17.29 12.02 20.78
CA CYS A 338 17.21 10.56 21.00
C CYS A 338 17.14 9.72 19.71
N LEU A 339 16.57 10.28 18.65
CA LEU A 339 16.43 9.58 17.41
C LEU A 339 17.72 9.50 16.70
N LYS A 340 18.47 10.58 16.82
CA LYS A 340 19.82 10.56 16.36
C LYS A 340 20.74 9.54 17.12
N LEU A 341 20.62 9.52 18.42
CA LEU A 341 21.41 8.59 19.26
C LEU A 341 21.03 7.11 18.91
N ALA A 342 19.75 6.85 18.65
CA ALA A 342 19.29 5.50 18.23
C ALA A 342 19.92 5.06 16.94
N ARG A 343 20.06 5.96 15.98
CA ARG A 343 20.63 5.66 14.74
C ARG A 343 22.13 5.37 14.87
N TYR A 344 22.80 6.14 15.74
CA TYR A 344 24.25 5.86 16.06
C TYR A 344 24.40 4.47 16.71
N ALA A 345 23.54 4.16 17.63
CA ALA A 345 23.55 2.88 18.32
C ALA A 345 23.32 1.73 17.36
N ALA A 346 22.39 1.90 16.45
CA ALA A 346 22.19 0.92 15.38
C ALA A 346 23.44 0.64 14.55
N ARG A 347 24.17 1.67 14.18
CA ARG A 347 25.39 1.45 13.44
C ARG A 347 26.40 0.74 14.28
N LEU A 348 26.45 0.96 15.57
CA LEU A 348 27.47 0.32 16.40
C LEU A 348 27.14 -1.15 16.77
N GLY A 349 25.87 -1.53 16.69
CA GLY A 349 25.48 -2.93 16.87
C GLY A 349 24.78 -3.15 18.16
N THR A 350 24.56 -4.43 18.50
CA THR A 350 23.68 -4.80 19.58
C THR A 350 24.13 -4.29 20.93
N GLY A 351 25.45 -4.27 21.15
CA GLY A 351 25.94 -3.78 22.40
C GLY A 351 25.58 -2.33 22.72
N ALA A 352 25.69 -1.52 21.70
CA ALA A 352 25.29 -0.12 21.79
C ALA A 352 23.77 0.04 21.86
N CYS A 353 23.02 -0.84 21.18
CA CYS A 353 21.54 -0.82 21.32
C CYS A 353 21.08 -1.17 22.73
N ILE A 354 21.73 -2.15 23.38
CA ILE A 354 21.44 -2.42 24.76
C ILE A 354 21.77 -1.22 25.63
N ALA A 355 22.92 -0.61 25.42
CA ALA A 355 23.30 0.53 26.23
C ALA A 355 22.29 1.67 26.09
N LEU A 356 21.92 1.94 24.84
CA LEU A 356 20.90 2.97 24.56
C LEU A 356 19.64 2.66 25.26
N ASN A 357 19.17 1.43 25.10
CA ASN A 357 17.90 1.07 25.72
C ASN A 357 17.90 1.10 27.23
N THR A 358 18.94 0.55 27.83
CA THR A 358 19.06 0.52 29.27
C THR A 358 19.26 1.94 29.87
N ALA A 359 20.15 2.75 29.28
CA ALA A 359 20.35 4.12 29.75
C ALA A 359 19.10 4.97 29.60
N ASN A 360 18.40 4.80 28.50
CA ASN A 360 17.14 5.47 28.33
C ASN A 360 16.17 5.09 29.42
N GLU A 361 16.08 3.80 29.73
CA GLU A 361 15.15 3.39 30.81
C GLU A 361 15.49 4.06 32.16
N ILE A 362 16.75 4.03 32.53
CA ILE A 362 17.18 4.58 33.82
C ILE A 362 16.98 6.12 33.80
N ALA A 363 17.24 6.74 32.65
CA ALA A 363 17.00 8.22 32.52
C ALA A 363 15.54 8.60 32.54
N VAL A 364 14.69 7.84 31.87
CA VAL A 364 13.27 8.07 31.98
C VAL A 364 12.75 7.97 33.41
N GLU A 365 13.16 6.96 34.14
CA GLU A 365 12.77 6.78 35.56
C GLU A 365 13.22 8.01 36.39
N ALA A 366 14.44 8.46 36.15
CA ALA A 366 14.96 9.64 36.80
C ALA A 366 14.15 10.91 36.44
N PHE A 367 13.74 11.05 35.18
CA PHE A 367 12.92 12.18 34.82
C PHE A 367 11.60 12.12 35.59
N LEU A 368 11.03 10.94 35.70
CA LEU A 368 9.76 10.76 36.34
C LEU A 368 9.88 11.03 37.80
N ALA A 369 11.03 10.76 38.38
CA ALA A 369 11.27 11.06 39.78
C ALA A 369 11.71 12.53 39.99
N GLU A 370 11.62 13.37 38.95
CA GLU A 370 12.00 14.80 39.00
C GLU A 370 13.45 15.03 39.39
N LYS A 371 14.31 14.15 38.97
CA LYS A 371 15.73 14.28 39.20
C LYS A 371 16.49 14.95 38.05
N ILE A 372 15.94 14.84 36.86
CA ILE A 372 16.53 15.47 35.69
C ILE A 372 15.43 16.05 34.85
N CYS A 373 15.78 16.95 33.93
CA CYS A 373 14.79 17.47 33.04
C CYS A 373 14.74 16.64 31.77
N LEU A 374 13.71 16.88 30.97
CA LEU A 374 13.38 16.03 29.83
C LEU A 374 14.52 16.00 28.83
N THR A 375 15.13 17.16 28.56
CA THR A 375 16.24 17.25 27.63
C THR A 375 17.52 16.63 28.16
N ASP A 376 17.57 16.30 29.44
CA ASP A 376 18.71 15.62 29.98
C ASP A 376 18.67 14.09 29.69
N ILE A 377 17.56 13.56 29.29
CA ILE A 377 17.48 12.11 28.89
C ILE A 377 18.52 11.78 27.83
N ALA A 378 18.52 12.51 26.74
CA ALA A 378 19.55 12.32 25.69
C ALA A 378 20.98 12.53 26.17
N VAL A 379 21.14 13.37 27.18
CA VAL A 379 22.44 13.64 27.71
C VAL A 379 22.97 12.36 28.42
N ILE A 380 22.12 11.72 29.23
CA ILE A 380 22.50 10.52 29.96
C ILE A 380 22.78 9.41 28.98
N VAL A 381 21.94 9.29 27.98
CA VAL A 381 22.08 8.22 26.96
C VAL A 381 23.38 8.37 26.22
N LYS A 382 23.69 9.60 25.77
CA LYS A 382 24.90 9.82 25.05
C LYS A 382 26.09 9.52 25.92
N ALA A 383 26.05 9.93 27.18
CA ALA A 383 27.21 9.71 28.07
C ALA A 383 27.48 8.20 28.26
N CYS A 384 26.40 7.40 28.29
CA CYS A 384 26.58 5.93 28.38
C CYS A 384 27.09 5.35 27.05
N LEU A 385 26.51 5.76 25.94
CA LEU A 385 26.95 5.31 24.65
C LEU A 385 28.46 5.56 24.39
N ASP A 386 28.96 6.65 24.90
CA ASP A 386 30.34 7.11 24.64
C ASP A 386 31.31 6.60 25.73
N ASP A 387 30.77 6.03 26.81
CA ASP A 387 31.57 5.61 27.98
C ASP A 387 32.51 4.51 27.52
N LYS A 388 33.80 4.67 27.79
CA LYS A 388 34.77 3.69 27.27
C LYS A 388 34.62 2.28 27.84
N THR A 389 34.11 2.21 29.06
CA THR A 389 33.93 0.95 29.76
C THR A 389 32.78 0.15 29.16
N ILE A 390 31.75 0.87 28.72
CA ILE A 390 30.62 0.27 27.97
C ILE A 390 31.05 -0.09 26.57
N ALA A 391 31.74 0.86 25.91
CA ALA A 391 32.08 0.68 24.51
C ALA A 391 33.05 -0.44 24.25
N GLN A 392 33.85 -0.79 25.22
CA GLN A 392 34.74 -1.94 25.11
C GLN A 392 34.01 -3.24 24.86
N ASP A 393 32.74 -3.30 25.26
CA ASP A 393 31.90 -4.51 25.06
C ASP A 393 31.18 -4.59 23.73
N TYR A 394 31.27 -3.54 22.89
CA TYR A 394 30.54 -3.47 21.70
C TYR A 394 30.97 -4.53 20.75
N SER A 395 32.22 -4.96 20.81
CA SER A 395 32.66 -5.98 19.84
C SER A 395 32.23 -7.43 20.19
N GLN A 396 31.61 -7.67 21.35
CA GLN A 396 31.07 -9.04 21.67
C GLN A 396 30.03 -9.53 20.71
N ASP A 397 29.97 -10.86 20.52
CA ASP A 397 28.94 -11.46 19.66
C ASP A 397 27.71 -11.73 20.54
N PHE A 398 26.78 -10.78 20.54
CA PHE A 398 25.54 -10.89 21.34
C PHE A 398 24.51 -11.80 20.65
N GLY A 399 24.79 -12.22 19.42
CA GLY A 399 24.08 -13.20 18.68
C GLY A 399 24.48 -14.68 18.91
N ASP A 400 25.48 -14.87 19.74
CA ASP A 400 26.02 -16.25 20.01
C ASP A 400 24.95 -17.07 20.67
N GLU A 401 24.66 -18.22 20.15
CA GLU A 401 23.58 -19.01 20.62
CA GLU A 401 23.57 -19.01 20.61
C GLU A 401 23.69 -19.39 22.10
N VAL A 402 24.88 -19.76 22.55
CA VAL A 402 25.06 -20.24 23.89
C VAL A 402 25.43 -19.16 24.87
N LEU A 403 26.17 -18.17 24.42
CA LEU A 403 26.72 -17.11 25.29
C LEU A 403 25.95 -15.76 25.16
N GLY A 404 25.14 -15.67 24.14
CA GLY A 404 24.46 -14.44 23.79
C GLY A 404 23.59 -13.91 24.90
N LEU A 405 22.69 -14.71 25.44
CA LEU A 405 21.76 -14.18 26.42
C LEU A 405 22.50 -13.67 27.64
N GLU A 406 23.50 -14.43 28.13
CA GLU A 406 24.23 -14.02 29.29
C GLU A 406 25.02 -12.71 28.98
N ARG A 407 25.59 -12.61 27.81
CA ARG A 407 26.27 -11.33 27.38
C ARG A 407 25.31 -10.08 27.38
N ILE A 408 24.12 -10.29 26.89
CA ILE A 408 23.06 -9.27 26.84
C ILE A 408 22.69 -8.85 28.21
N LEU A 409 22.40 -9.78 29.11
CA LEU A 409 22.05 -9.47 30.46
C LEU A 409 23.16 -8.85 31.27
N THR A 410 24.39 -9.32 31.10
CA THR A 410 25.56 -8.75 31.72
C THR A 410 25.72 -7.27 31.28
N MET A 411 25.54 -6.99 30.00
CA MET A 411 25.65 -5.63 29.45
C MET A 411 24.57 -4.74 30.03
N ASP A 412 23.34 -5.21 30.06
CA ASP A 412 22.27 -4.49 30.68
C ASP A 412 22.65 -4.08 32.16
N LYS A 413 23.11 -5.03 32.95
CA LYS A 413 23.39 -4.74 34.38
C LYS A 413 24.50 -3.74 34.46
N LYS A 414 25.51 -3.88 33.62
CA LYS A 414 26.62 -2.94 33.67
C LYS A 414 26.23 -1.53 33.31
N VAL A 415 25.35 -1.40 32.34
CA VAL A 415 24.87 -0.09 31.89
C VAL A 415 23.89 0.54 32.85
N ARG A 416 23.08 -0.26 33.52
CA ARG A 416 22.19 0.24 34.51
C ARG A 416 23.00 0.98 35.65
N LYS A 417 24.09 0.36 36.07
CA LYS A 417 24.93 0.93 37.15
C LYS A 417 25.59 2.26 36.65
N ILE A 418 26.13 2.25 35.43
CA ILE A 418 26.82 3.38 34.89
C ILE A 418 25.87 4.53 34.62
N ALA A 419 24.68 4.25 34.15
CA ALA A 419 23.72 5.28 33.90
C ALA A 419 23.25 5.99 35.20
N THR A 420 23.03 5.19 36.23
CA THR A 420 22.75 5.73 37.54
C THR A 420 23.87 6.67 38.00
N ALA A 421 25.12 6.28 37.80
CA ALA A 421 26.27 7.08 38.23
C ALA A 421 26.36 8.39 37.37
N LYS A 422 26.02 8.32 36.09
CA LYS A 422 25.99 9.51 35.24
C LYS A 422 24.93 10.47 35.66
N ILE A 423 23.76 9.99 36.10
CA ILE A 423 22.74 10.86 36.64
C ILE A 423 23.23 11.62 37.87
N LYS A 424 23.95 10.93 38.74
CA LYS A 424 24.54 11.59 39.90
C LYS A 424 25.61 12.62 39.53
N LEU A 425 26.47 12.27 38.61
CA LEU A 425 27.52 13.12 38.07
C LEU A 425 26.95 14.38 37.45
N LEU A 426 25.78 14.26 36.86
CA LEU A 426 25.16 15.39 36.24
C LEU A 426 24.47 16.32 37.25
N LYS A 427 23.82 15.77 38.26
CA LYS A 427 22.96 16.52 39.17
C LYS A 427 23.71 16.97 40.41
N GLN A 428 24.81 16.32 40.74
CA GLN A 428 25.76 16.75 41.82
C GLN A 428 26.03 18.28 41.77
N THR B 22 13.89 -13.47 -21.30
CA THR B 22 14.72 -12.35 -20.81
C THR B 22 14.38 -11.05 -21.60
N LEU B 23 15.04 -10.78 -22.71
CA LEU B 23 14.73 -9.60 -23.53
C LEU B 23 13.29 -9.63 -24.10
N GLN B 24 12.53 -8.57 -23.91
CA GLN B 24 11.19 -8.52 -24.45
C GLN B 24 11.15 -7.61 -25.70
N SER B 25 10.48 -8.09 -26.71
CA SER B 25 10.21 -7.29 -27.88
C SER B 25 8.82 -6.60 -27.78
N LEU B 26 8.81 -5.29 -27.91
CA LEU B 26 7.67 -4.44 -27.71
C LEU B 26 7.08 -3.85 -28.97
N ALA B 27 5.74 -3.79 -28.98
CA ALA B 27 5.03 -2.94 -29.91
C ALA B 27 4.32 -1.85 -29.14
N ILE B 28 4.52 -0.62 -29.52
CA ILE B 28 3.81 0.46 -28.90
C ILE B 28 2.76 1.00 -29.83
N LEU B 29 1.51 0.73 -29.48
CA LEU B 29 0.35 1.17 -30.23
C LEU B 29 -0.03 2.54 -29.67
N GLY B 30 0.20 3.58 -30.45
CA GLY B 30 0.00 4.97 -29.97
C GLY B 30 1.27 5.46 -29.26
N ALA B 31 2.34 5.54 -30.04
CA ALA B 31 3.66 5.81 -29.54
C ALA B 31 4.07 7.29 -29.45
N THR B 32 3.24 8.18 -29.96
CA THR B 32 3.65 9.58 -30.13
C THR B 32 3.16 10.51 -29.05
N GLY B 33 2.37 10.00 -28.10
CA GLY B 33 1.85 10.82 -26.98
C GLY B 33 2.62 10.55 -25.68
N SER B 34 1.99 10.93 -24.59
CA SER B 34 2.55 10.86 -23.25
C SER B 34 2.98 9.45 -22.85
N ILE B 35 2.11 8.46 -23.08
CA ILE B 35 2.44 7.10 -22.66
C ILE B 35 3.65 6.62 -23.46
N GLY B 36 3.63 6.93 -24.74
CA GLY B 36 4.78 6.55 -25.54
C GLY B 36 6.08 7.22 -25.12
N ASP B 37 6.03 8.49 -24.75
CA ASP B 37 7.24 9.19 -24.29
C ASP B 37 7.80 8.51 -23.06
N SER B 38 6.92 8.18 -22.08
CA SER B 38 7.39 7.55 -20.84
C SER B 38 7.94 6.15 -21.08
N THR B 39 7.25 5.40 -21.95
CA THR B 39 7.67 4.05 -22.22
C THR B 39 9.04 4.03 -22.92
N LEU B 40 9.17 4.89 -23.93
CA LEU B 40 10.43 4.96 -24.69
C LEU B 40 11.58 5.46 -23.80
N ALA B 41 11.28 6.35 -22.86
CA ALA B 41 12.31 6.78 -21.86
C ALA B 41 12.80 5.64 -21.04
N ILE B 42 11.89 4.74 -20.64
CA ILE B 42 12.33 3.59 -19.89
C ILE B 42 13.19 2.67 -20.75
N ILE B 43 12.78 2.49 -21.98
CA ILE B 43 13.55 1.61 -22.87
C ILE B 43 14.94 2.13 -23.11
N ARG B 44 15.09 3.44 -23.30
CA ARG B 44 16.45 4.05 -23.35
C ARG B 44 17.32 3.65 -22.14
N GLN B 45 16.76 3.55 -20.95
CA GLN B 45 17.54 3.20 -19.76
C GLN B 45 17.82 1.72 -19.66
N HIS B 46 17.06 0.88 -20.34
CA HIS B 46 17.17 -0.55 -20.12
C HIS B 46 17.20 -1.35 -21.44
N PRO B 47 18.22 -1.10 -22.29
CA PRO B 47 18.36 -1.85 -23.57
C PRO B 47 18.54 -3.36 -23.42
N ASN B 48 19.07 -3.85 -22.33
CA ASN B 48 19.12 -5.30 -22.21
C ASN B 48 17.80 -6.00 -21.93
N ARG B 49 16.79 -5.25 -21.51
CA ARG B 49 15.50 -5.88 -21.20
C ARG B 49 14.44 -5.65 -22.28
N TYR B 50 14.48 -4.51 -22.93
CA TYR B 50 13.42 -4.10 -23.83
C TYR B 50 14.01 -3.62 -25.17
N ARG B 51 13.44 -4.13 -26.26
CA ARG B 51 13.69 -3.61 -27.63
C ARG B 51 12.37 -3.38 -28.41
N ILE B 52 12.38 -2.31 -29.20
CA ILE B 52 11.27 -1.89 -30.00
C ILE B 52 11.15 -2.68 -31.29
N HIS B 53 10.03 -3.38 -31.45
CA HIS B 53 9.70 -4.06 -32.68
C HIS B 53 8.84 -3.21 -33.57
N ALA B 54 7.94 -2.40 -32.98
CA ALA B 54 7.02 -1.61 -33.77
C ALA B 54 6.48 -0.42 -33.03
N LEU B 55 6.07 0.59 -33.78
CA LEU B 55 5.56 1.79 -33.26
C LEU B 55 4.47 2.25 -34.15
N THR B 56 3.45 2.86 -33.57
CA THR B 56 2.36 3.37 -34.38
C THR B 56 2.05 4.76 -34.00
N GLY B 57 1.50 5.51 -34.97
CA GLY B 57 1.07 6.86 -34.70
C GLY B 57 0.22 7.37 -35.85
N PHE B 58 -0.98 7.74 -35.53
CA PHE B 58 -1.98 7.96 -36.54
C PHE B 58 -1.75 9.31 -37.22
N SER B 59 -1.34 10.29 -36.42
CA SER B 59 -1.40 11.66 -36.80
C SER B 59 -0.04 12.44 -36.76
N ARG B 60 0.90 12.03 -35.93
CA ARG B 60 2.16 12.76 -35.74
C ARG B 60 3.25 12.11 -36.53
N VAL B 61 3.21 12.40 -37.83
CA VAL B 61 4.04 11.73 -38.78
C VAL B 61 5.50 12.04 -38.52
N ASP B 62 5.82 13.32 -38.34
CA ASP B 62 7.22 13.70 -38.11
C ASP B 62 7.79 13.14 -36.85
N LYS B 63 7.00 13.23 -35.79
CA LYS B 63 7.44 12.55 -34.57
C LYS B 63 7.61 11.04 -34.76
N LEU B 64 6.65 10.39 -35.43
CA LEU B 64 6.75 8.95 -35.62
C LEU B 64 8.03 8.61 -36.43
N LEU B 65 8.28 9.43 -37.46
CA LEU B 65 9.50 9.26 -38.22
C LEU B 65 10.69 9.40 -37.28
N ALA B 66 10.72 10.45 -36.45
CA ALA B 66 11.91 10.62 -35.54
C ALA B 66 12.14 9.43 -34.61
N LEU B 67 11.04 8.83 -34.12
CA LEU B 67 11.18 7.65 -33.27
C LEU B 67 11.69 6.44 -34.06
N ALA B 68 11.18 6.29 -35.29
CA ALA B 68 11.64 5.20 -36.18
C ALA B 68 13.14 5.31 -36.49
N MET B 69 13.57 6.53 -36.75
CA MET B 69 15.03 6.80 -36.91
C MET B 69 15.87 6.43 -35.69
N GLU B 70 15.34 6.67 -34.50
CA GLU B 70 16.04 6.28 -33.26
C GLU B 70 15.96 4.79 -32.89
N PHE B 71 14.76 4.21 -32.97
CA PHE B 71 14.64 2.86 -32.47
C PHE B 71 14.75 1.77 -33.53
N HIS B 72 14.62 2.13 -34.81
CA HIS B 72 14.72 1.13 -35.87
C HIS B 72 13.70 -0.02 -35.72
N PRO B 73 12.42 0.33 -35.64
CA PRO B 73 11.39 -0.71 -35.62
C PRO B 73 11.35 -1.52 -36.94
N VAL B 74 11.00 -2.78 -36.87
CA VAL B 74 10.73 -3.58 -38.04
C VAL B 74 9.49 -3.06 -38.77
N LYS B 75 8.46 -2.60 -38.03
CA LYS B 75 7.24 -2.06 -38.61
C LYS B 75 6.74 -0.80 -37.93
N ILE B 76 6.07 0.05 -38.69
CA ILE B 76 5.31 1.14 -38.14
C ILE B 76 3.99 1.23 -38.85
N CYS B 77 3.04 1.97 -38.28
CA CYS B 77 1.74 2.09 -38.86
C CYS B 77 1.23 3.47 -38.64
N THR B 78 0.51 4.02 -39.61
CA THR B 78 -0.08 5.35 -39.49
C THR B 78 -1.45 5.29 -40.10
N SER B 79 -2.14 6.40 -40.17
CA SER B 79 -3.45 6.45 -40.78
C SER B 79 -3.36 6.28 -42.32
N PRO B 80 -4.44 5.80 -42.95
CA PRO B 80 -4.48 5.69 -44.41
C PRO B 80 -4.12 7.03 -45.11
N ASP B 81 -4.71 8.11 -44.64
CA ASP B 81 -4.41 9.45 -45.17
C ASP B 81 -2.95 9.85 -45.06
N ASN B 82 -2.22 9.39 -44.06
CA ASN B 82 -0.82 9.82 -43.89
C ASN B 82 0.17 8.80 -44.42
N TYR B 83 -0.30 7.68 -44.93
CA TYR B 83 0.61 6.64 -45.39
C TYR B 83 1.63 7.12 -46.49
N ALA B 84 1.14 7.82 -47.50
CA ALA B 84 2.02 8.24 -48.64
C ALA B 84 3.10 9.23 -48.10
N GLN B 85 2.67 10.25 -47.35
CA GLN B 85 3.61 11.17 -46.72
C GLN B 85 4.66 10.47 -45.88
N LEU B 86 4.21 9.58 -44.98
CA LEU B 86 5.14 8.88 -44.12
C LEU B 86 6.09 8.03 -44.94
N SER B 87 5.55 7.35 -45.93
CA SER B 87 6.37 6.48 -46.80
C SER B 87 7.50 7.29 -47.53
N GLN B 88 7.13 8.44 -48.09
CA GLN B 88 8.10 9.41 -48.62
C GLN B 88 9.25 9.74 -47.65
N LYS B 89 8.87 10.06 -46.41
CA LYS B 89 9.84 10.54 -45.40
C LYS B 89 10.72 9.41 -44.93
N VAL B 90 10.16 8.23 -44.83
CA VAL B 90 10.93 7.08 -44.43
C VAL B 90 11.98 6.78 -45.51
N THR B 91 11.58 6.90 -46.76
CA THR B 91 12.48 6.62 -47.89
C THR B 91 13.61 7.64 -47.84
N ASP B 92 13.21 8.91 -47.78
CA ASP B 92 14.15 10.04 -47.78
C ASP B 92 15.15 9.98 -46.64
N ALA B 93 14.77 9.44 -45.49
CA ALA B 93 15.70 9.30 -44.37
C ALA B 93 16.55 8.02 -44.46
N GLY B 94 16.39 7.21 -45.50
CA GLY B 94 17.26 6.01 -45.67
C GLY B 94 16.83 4.73 -44.96
N LEU B 95 15.67 4.80 -44.30
CA LEU B 95 15.20 3.69 -43.44
C LEU B 95 14.59 2.50 -44.15
N ASP B 96 14.85 1.35 -43.58
CA ASP B 96 14.39 0.05 -44.04
C ASP B 96 12.97 -0.45 -43.55
N THR B 97 12.22 0.42 -42.91
CA THR B 97 11.08 -0.05 -42.13
C THR B 97 9.88 -0.45 -43.02
N ILE B 98 9.13 -1.44 -42.56
CA ILE B 98 7.85 -1.76 -43.20
C ILE B 98 6.79 -0.77 -42.74
N ILE B 99 6.08 -0.16 -43.67
CA ILE B 99 5.06 0.81 -43.28
C ILE B 99 3.69 0.21 -43.50
N LEU B 100 2.84 0.21 -42.47
CA LEU B 100 1.46 -0.31 -42.59
C LEU B 100 0.52 0.85 -42.36
N SER B 101 -0.75 0.69 -42.69
CA SER B 101 -1.72 1.72 -42.38
C SER B 101 -3.08 1.12 -41.90
N GLY B 102 -3.84 1.93 -41.19
CA GLY B 102 -5.23 1.60 -40.86
C GLY B 102 -5.42 0.55 -39.79
N ASP B 103 -6.69 0.15 -39.62
CA ASP B 103 -7.06 -0.78 -38.56
C ASP B 103 -6.33 -2.12 -38.70
N GLU B 104 -6.19 -2.61 -39.92
CA GLU B 104 -5.56 -3.91 -40.15
C GLU B 104 -4.06 -3.88 -39.97
N GLY B 105 -3.46 -2.71 -40.17
CA GLY B 105 -2.05 -2.59 -39.79
C GLY B 105 -1.80 -2.69 -38.30
N LEU B 106 -2.69 -2.08 -37.51
CA LEU B 106 -2.60 -2.17 -36.01
C LEU B 106 -2.77 -3.58 -35.53
N ILE B 107 -3.74 -4.28 -36.13
CA ILE B 107 -3.94 -5.70 -35.81
C ILE B 107 -2.77 -6.52 -36.15
N GLU B 108 -2.20 -6.30 -37.35
CA GLU B 108 -0.98 -7.02 -37.73
C GLU B 108 0.14 -6.80 -36.71
N ILE B 109 0.34 -5.56 -36.32
CA ILE B 109 1.44 -5.28 -35.36
C ILE B 109 1.21 -5.91 -33.98
N ALA B 110 -0.05 -5.86 -33.54
CA ALA B 110 -0.43 -6.37 -32.21
C ALA B 110 -0.39 -7.88 -32.12
N SER B 111 -0.58 -8.58 -33.23
CA SER B 111 -0.63 -10.01 -33.26
C SER B 111 0.63 -10.68 -33.84
N ASP B 112 1.60 -9.87 -34.19
CA ASP B 112 2.88 -10.31 -34.74
C ASP B 112 3.58 -11.29 -33.79
N GLU B 113 4.00 -12.41 -34.34
CA GLU B 113 4.75 -13.42 -33.59
C GLU B 113 6.06 -12.92 -32.97
N ALA B 114 6.68 -11.93 -33.57
CA ALA B 114 7.94 -11.40 -33.04
C ALA B 114 7.70 -10.45 -31.87
N VAL B 115 6.42 -10.14 -31.57
CA VAL B 115 6.12 -9.22 -30.45
C VAL B 115 5.84 -10.00 -29.16
N ASP B 116 6.48 -9.64 -28.05
CA ASP B 116 6.14 -10.23 -26.75
C ASP B 116 5.12 -9.42 -25.97
N THR B 117 5.25 -8.11 -26.05
CA THR B 117 4.51 -7.18 -25.20
C THR B 117 3.98 -6.02 -25.98
N VAL B 118 2.68 -5.75 -25.80
CA VAL B 118 2.00 -4.69 -26.50
C VAL B 118 1.62 -3.60 -25.51
N VAL B 119 2.01 -2.37 -25.82
CA VAL B 119 1.66 -1.22 -25.05
C VAL B 119 0.49 -0.62 -25.79
N ALA B 120 -0.69 -0.74 -25.19
CA ALA B 120 -1.92 -0.34 -25.82
C ALA B 120 -2.36 1.02 -25.39
N ALA B 121 -1.94 2.03 -26.13
CA ALA B 121 -2.10 3.40 -25.74
C ALA B 121 -2.81 4.19 -26.80
N ILE B 122 -3.54 3.53 -27.68
CA ILE B 122 -4.37 4.27 -28.62
C ILE B 122 -5.65 4.67 -27.89
N VAL B 123 -5.99 5.96 -27.93
CA VAL B 123 -7.19 6.52 -27.28
C VAL B 123 -8.50 6.16 -28.00
N GLY B 124 -9.51 5.72 -27.25
CA GLY B 124 -10.88 5.60 -27.76
C GLY B 124 -11.13 4.29 -28.46
N ALA B 125 -12.25 4.21 -29.18
CA ALA B 125 -12.63 3.01 -29.91
C ALA B 125 -11.61 2.57 -30.97
N ALA B 126 -10.81 3.50 -31.44
CA ALA B 126 -9.82 3.19 -32.48
C ALA B 126 -8.85 2.09 -32.00
N GLY B 127 -8.70 1.94 -30.68
CA GLY B 127 -7.83 0.91 -30.11
C GLY B 127 -8.42 -0.47 -29.86
N LEU B 128 -9.73 -0.62 -30.06
CA LEU B 128 -10.37 -1.84 -29.64
C LEU B 128 -9.90 -3.03 -30.41
N SER B 129 -9.92 -3.00 -31.75
CA SER B 129 -9.65 -4.27 -32.44
C SER B 129 -8.21 -4.77 -32.30
N SER B 130 -7.24 -3.86 -32.21
CA SER B 130 -5.87 -4.28 -31.98
C SER B 130 -5.68 -4.79 -30.57
N THR B 131 -6.36 -4.17 -29.62
CA THR B 131 -6.34 -4.77 -28.26
C THR B 131 -6.89 -6.20 -28.22
N LEU B 132 -8.00 -6.42 -28.91
CA LEU B 132 -8.51 -7.79 -29.02
C LEU B 132 -7.52 -8.72 -29.69
N ALA B 133 -6.87 -8.24 -30.77
CA ALA B 133 -5.91 -9.11 -31.52
C ALA B 133 -4.75 -9.44 -30.63
N ALA B 134 -4.28 -8.46 -29.85
CA ALA B 134 -3.15 -8.80 -28.93
C ALA B 134 -3.58 -9.83 -27.90
N ALA B 135 -4.79 -9.67 -27.39
CA ALA B 135 -5.31 -10.65 -26.44
C ALA B 135 -5.42 -12.03 -27.06
N GLY B 136 -5.97 -12.05 -28.26
CA GLY B 136 -6.16 -13.30 -28.99
C GLY B 136 -4.81 -13.97 -29.30
N ALA B 137 -3.73 -13.19 -29.40
CA ALA B 137 -2.41 -13.76 -29.70
C ALA B 137 -1.62 -14.04 -28.42
N GLY B 138 -2.23 -13.87 -27.25
CA GLY B 138 -1.57 -14.25 -26.00
C GLY B 138 -0.47 -13.29 -25.57
N LYS B 139 -0.52 -12.04 -26.01
CA LYS B 139 0.53 -11.09 -25.67
C LYS B 139 0.41 -10.62 -24.23
N ARG B 140 1.54 -10.14 -23.67
CA ARG B 140 1.42 -9.31 -22.50
C ARG B 140 0.96 -7.96 -22.91
N ILE B 141 -0.10 -7.46 -22.30
CA ILE B 141 -0.69 -6.23 -22.68
C ILE B 141 -0.57 -5.22 -21.56
N LEU B 142 0.08 -4.08 -21.85
CA LEU B 142 0.16 -2.98 -20.92
C LEU B 142 -0.90 -2.02 -21.36
N LEU B 143 -1.94 -1.93 -20.56
CA LEU B 143 -3.15 -1.28 -21.01
C LEU B 143 -3.31 0.14 -20.54
N ALA B 144 -3.30 1.09 -21.47
CA ALA B 144 -3.58 2.49 -21.20
C ALA B 144 -4.78 3.02 -22.00
N ASN B 145 -5.67 2.17 -22.48
CA ASN B 145 -6.73 2.56 -23.44
C ASN B 145 -8.01 2.09 -22.77
N LYS B 146 -8.48 2.84 -21.78
CA LYS B 146 -9.60 2.39 -20.98
C LYS B 146 -10.89 2.19 -21.80
N GLU B 147 -11.05 2.92 -22.89
CA GLU B 147 -12.26 2.75 -23.70
C GLU B 147 -12.46 1.35 -24.28
N SER B 148 -11.39 0.62 -24.48
CA SER B 148 -11.52 -0.76 -24.91
C SER B 148 -12.26 -1.64 -23.90
N LEU B 149 -12.04 -1.38 -22.61
CA LEU B 149 -12.78 -2.10 -21.61
C LEU B 149 -14.14 -1.53 -21.32
N VAL B 150 -14.36 -0.26 -21.60
CA VAL B 150 -15.69 0.27 -21.44
C VAL B 150 -16.64 -0.34 -22.52
N MET B 151 -16.15 -0.36 -23.75
CA MET B 151 -16.89 -0.85 -24.90
C MET B 151 -16.98 -2.38 -24.96
N ALA B 152 -15.97 -3.07 -24.47
CA ALA B 152 -15.75 -4.48 -24.80
C ALA B 152 -15.11 -5.25 -23.71
N GLY B 153 -15.35 -4.83 -22.48
CA GLY B 153 -14.58 -5.43 -21.39
C GLY B 153 -14.71 -6.91 -21.20
N ASP B 154 -15.93 -7.43 -21.21
CA ASP B 154 -16.11 -8.89 -21.05
C ASP B 154 -15.42 -9.60 -22.20
N LEU B 155 -15.59 -9.08 -23.39
CA LEU B 155 -14.95 -9.73 -24.60
C LEU B 155 -13.45 -9.69 -24.49
N VAL B 156 -12.90 -8.56 -24.09
CA VAL B 156 -11.42 -8.47 -23.98
C VAL B 156 -10.89 -9.38 -22.90
N ILE B 157 -11.51 -9.35 -21.71
CA ILE B 157 -11.02 -10.15 -20.63
C ILE B 157 -11.15 -11.63 -20.95
N LYS B 158 -12.30 -12.05 -21.49
CA LYS B 158 -12.46 -13.46 -21.82
C LYS B 158 -11.44 -13.94 -22.88
N THR B 159 -11.25 -13.13 -23.88
CA THR B 159 -10.32 -13.49 -24.94
C THR B 159 -8.89 -13.61 -24.36
N ALA B 160 -8.54 -12.71 -23.47
CA ALA B 160 -7.19 -12.77 -22.91
C ALA B 160 -7.02 -14.03 -22.06
N LYS B 161 -8.06 -14.36 -21.30
CA LYS B 161 -8.03 -15.55 -20.47
C LYS B 161 -7.89 -16.79 -21.36
N LYS B 162 -8.67 -16.88 -22.46
CA LYS B 162 -8.66 -18.06 -23.30
C LYS B 162 -7.26 -18.26 -23.92
N HIS B 163 -6.58 -17.18 -24.24
CA HIS B 163 -5.32 -17.28 -24.97
C HIS B 163 -4.05 -16.97 -24.17
N GLY B 164 -4.17 -16.83 -22.87
CA GLY B 164 -3.03 -16.67 -22.02
C GLY B 164 -2.37 -15.32 -22.14
N ALA B 165 -3.12 -14.29 -22.50
CA ALA B 165 -2.60 -12.96 -22.53
C ALA B 165 -2.67 -12.43 -21.12
N THR B 166 -1.73 -11.59 -20.72
CA THR B 166 -1.65 -11.05 -19.33
C THR B 166 -1.89 -9.60 -19.47
N ILE B 167 -2.93 -9.08 -18.82
CA ILE B 167 -3.24 -7.68 -18.83
C ILE B 167 -2.71 -6.98 -17.55
N LEU B 168 -1.83 -5.98 -17.74
CA LEU B 168 -1.30 -5.16 -16.69
C LEU B 168 -1.74 -3.75 -16.94
N PRO B 169 -2.51 -3.15 -16.04
CA PRO B 169 -2.96 -1.78 -16.24
C PRO B 169 -1.87 -0.79 -16.01
N ILE B 170 -1.75 0.19 -16.90
CA ILE B 170 -0.76 1.20 -16.67
C ILE B 170 -1.37 2.56 -16.47
N ASP B 171 -2.70 2.69 -16.54
N ASP B 171 -2.68 2.77 -16.55
CA ASP B 171 -3.38 3.88 -16.03
CA ASP B 171 -3.12 4.07 -16.07
C ASP B 171 -3.00 4.03 -14.50
C ASP B 171 -2.91 4.05 -14.53
N SER B 172 -2.77 5.25 -14.02
CA SER B 172 -2.25 5.49 -12.68
C SER B 172 -3.07 4.84 -11.58
N GLU B 173 -4.40 5.05 -11.64
CA GLU B 173 -5.28 4.52 -10.63
C GLU B 173 -5.33 3.01 -10.62
N HIS B 174 -5.48 2.40 -11.79
CA HIS B 174 -5.64 0.98 -11.83
C HIS B 174 -4.36 0.30 -11.58
N ASN B 175 -3.27 0.89 -12.01
CA ASN B 175 -1.95 0.31 -11.67
C ASN B 175 -1.71 0.32 -10.16
N ALA B 176 -2.14 1.40 -9.52
CA ALA B 176 -2.04 1.51 -8.04
C ALA B 176 -2.83 0.42 -7.36
N ILE B 177 -4.08 0.24 -7.78
CA ILE B 177 -4.93 -0.86 -7.23
C ILE B 177 -4.25 -2.22 -7.41
N TYR B 178 -3.71 -2.45 -8.62
CA TYR B 178 -3.09 -3.72 -8.94
C TYR B 178 -1.92 -3.96 -8.04
N GLN B 179 -1.11 -2.94 -7.81
CA GLN B 179 0.03 -3.08 -6.89
C GLN B 179 -0.38 -3.40 -5.44
N CYS B 180 -1.57 -2.96 -5.06
CA CYS B 180 -2.09 -3.15 -3.72
C CYS B 180 -2.97 -4.39 -3.51
N LEU B 181 -3.01 -5.27 -4.53
CA LEU B 181 -3.70 -6.57 -4.42
C LEU B 181 -2.71 -7.65 -4.25
N PRO B 182 -3.10 -8.74 -3.56
CA PRO B 182 -2.18 -9.84 -3.44
C PRO B 182 -1.82 -10.54 -4.77
N ALA B 183 -0.68 -11.20 -4.79
CA ALA B 183 -0.16 -11.80 -6.03
C ALA B 183 -1.19 -12.79 -6.70
N ALA B 184 -1.94 -13.53 -5.93
CA ALA B 184 -2.89 -14.53 -6.53
C ALA B 184 -3.97 -13.82 -7.31
N ILE B 185 -4.40 -12.64 -6.84
CA ILE B 185 -5.42 -11.84 -7.47
C ILE B 185 -4.86 -11.02 -8.64
N GLN B 186 -3.64 -10.58 -8.54
CA GLN B 186 -2.98 -10.02 -9.68
C GLN B 186 -2.93 -11.05 -10.85
N ALA B 187 -2.58 -12.28 -10.56
CA ALA B 187 -2.42 -13.32 -11.62
C ALA B 187 -3.79 -13.81 -12.13
N ASP B 188 -4.78 -13.89 -11.27
CA ASP B 188 -6.14 -14.30 -11.65
C ASP B 188 -7.18 -13.36 -11.03
N ASN B 189 -7.66 -12.43 -11.79
CA ASN B 189 -8.65 -11.44 -11.31
C ASN B 189 -9.88 -12.04 -10.59
N THR B 190 -10.34 -13.21 -11.04
CA THR B 190 -11.50 -13.86 -10.44
C THR B 190 -11.20 -14.37 -9.08
N ALA B 191 -9.94 -14.52 -8.70
CA ALA B 191 -9.64 -14.96 -7.35
C ALA B 191 -10.13 -13.95 -6.28
N ILE B 192 -10.46 -12.74 -6.69
CA ILE B 192 -10.97 -11.73 -5.75
C ILE B 192 -12.22 -12.22 -5.03
N HIS B 193 -12.91 -13.21 -5.63
CA HIS B 193 -14.17 -13.65 -5.07
C HIS B 193 -13.94 -14.69 -4.00
N HIS B 194 -12.71 -15.12 -3.75
CA HIS B 194 -12.46 -16.01 -2.63
C HIS B 194 -12.34 -15.15 -1.38
N THR B 195 -13.16 -15.46 -0.40
CA THR B 195 -13.28 -14.63 0.76
C THR B 195 -11.97 -14.59 1.57
N SER B 196 -11.14 -15.60 1.46
CA SER B 196 -9.92 -15.65 2.24
C SER B 196 -8.96 -14.50 1.94
N TYR B 197 -9.02 -13.90 0.76
CA TYR B 197 -8.18 -12.75 0.45
C TYR B 197 -8.59 -11.45 1.13
N GLY B 198 -9.86 -11.39 1.52
CA GLY B 198 -10.39 -10.31 2.35
C GLY B 198 -10.43 -8.99 1.70
N ILE B 199 -10.64 -8.93 0.37
CA ILE B 199 -10.82 -7.66 -0.27
C ILE B 199 -12.22 -7.15 0.07
N LYS B 200 -12.33 -5.94 0.59
CA LYS B 200 -13.63 -5.38 0.91
C LYS B 200 -14.09 -4.38 -0.13
N LYS B 201 -13.22 -3.48 -0.58
CA LYS B 201 -13.63 -2.41 -1.51
C LYS B 201 -12.43 -1.88 -2.20
N LEU B 202 -12.59 -1.40 -3.43
CA LEU B 202 -11.60 -0.64 -4.14
C LEU B 202 -11.95 0.80 -4.08
N TRP B 203 -10.91 1.63 -3.99
CA TRP B 203 -11.11 3.10 -3.84
C TRP B 203 -10.34 3.80 -4.90
N LEU B 204 -11.08 4.39 -5.84
CA LEU B 204 -10.43 5.18 -6.86
C LEU B 204 -10.32 6.62 -6.41
N THR B 205 -9.14 7.18 -6.50
CA THR B 205 -8.96 8.58 -6.22
C THR B 205 -9.25 9.39 -7.50
N ALA B 206 -9.72 10.61 -7.29
CA ALA B 206 -10.08 11.56 -8.39
C ALA B 206 -9.64 12.94 -8.03
N SER B 207 -9.04 13.65 -8.93
CA SER B 207 -8.64 15.03 -8.63
C SER B 207 -9.84 15.93 -8.43
N GLY B 208 -10.98 15.58 -8.99
CA GLY B 208 -12.17 16.44 -8.95
C GLY B 208 -12.35 17.36 -10.17
N GLY B 209 -11.31 17.54 -10.96
CA GLY B 209 -11.33 18.36 -12.18
C GLY B 209 -11.32 19.86 -11.88
N SER B 210 -11.36 20.67 -12.93
CA SER B 210 -11.25 22.13 -12.80
C SER B 210 -12.49 22.83 -12.21
N PHE B 211 -13.61 22.16 -12.07
CA PHE B 211 -14.77 22.78 -11.46
C PHE B 211 -15.05 22.24 -10.08
N LEU B 212 -14.04 21.58 -9.48
CA LEU B 212 -14.25 21.02 -8.16
C LEU B 212 -14.70 22.12 -7.20
N ASP B 213 -14.04 23.27 -7.28
CA ASP B 213 -14.36 24.44 -6.41
C ASP B 213 -15.17 25.54 -7.11
N LYS B 214 -16.07 25.13 -8.00
CA LYS B 214 -16.95 26.05 -8.73
C LYS B 214 -18.40 25.58 -8.63
N SER B 215 -19.35 26.50 -8.83
CA SER B 215 -20.75 26.14 -8.63
C SER B 215 -21.28 25.51 -9.90
N ILE B 216 -22.43 24.86 -9.74
CA ILE B 216 -23.15 24.33 -10.87
C ILE B 216 -23.42 25.42 -11.90
N LYS B 217 -23.75 26.66 -11.45
CA LYS B 217 -24.03 27.75 -12.37
C LYS B 217 -22.79 28.09 -13.18
N GLN B 218 -21.61 28.07 -12.58
CA GLN B 218 -20.42 28.36 -13.37
C GLN B 218 -20.14 27.24 -14.41
N MET B 219 -20.54 26.01 -14.09
CA MET B 219 -20.38 24.91 -15.07
C MET B 219 -21.31 25.14 -16.24
N GLN B 220 -22.57 25.46 -15.91
CA GLN B 220 -23.58 25.73 -16.94
C GLN B 220 -23.06 26.78 -17.88
N ASN B 221 -22.40 27.80 -17.34
CA ASN B 221 -22.05 28.97 -18.14
C ASN B 221 -20.62 28.91 -18.66
N ALA B 222 -19.91 27.80 -18.41
CA ALA B 222 -18.52 27.69 -18.83
C ALA B 222 -18.38 27.72 -20.34
N SER B 223 -17.42 28.52 -20.80
CA SER B 223 -17.06 28.57 -22.21
C SER B 223 -16.16 27.37 -22.50
N VAL B 224 -15.94 27.07 -23.79
CA VAL B 224 -15.07 25.95 -24.15
C VAL B 224 -13.66 26.23 -23.59
N LYS B 225 -13.16 27.46 -23.85
CA LYS B 225 -11.90 27.95 -23.27
C LYS B 225 -11.82 27.66 -21.77
N GLU B 226 -12.84 28.08 -21.00
CA GLU B 226 -12.84 27.85 -19.55
C GLU B 226 -12.81 26.34 -19.18
N ALA B 227 -13.47 25.50 -19.98
CA ALA B 227 -13.64 24.06 -19.64
C ALA B 227 -12.37 23.19 -19.82
N VAL B 228 -11.56 23.47 -20.86
CA VAL B 228 -10.34 22.66 -21.14
C VAL B 228 -9.17 22.83 -20.15
N GLN B 237 -10.52 19.61 -26.54
CA GLN B 237 -9.91 18.31 -26.23
C GLN B 237 -10.82 17.41 -25.38
N LYS B 238 -11.25 16.29 -25.97
CA LYS B 238 -12.14 15.32 -25.30
C LYS B 238 -11.74 14.99 -23.87
N ILE B 239 -10.44 14.80 -23.61
CA ILE B 239 -9.96 14.33 -22.31
C ILE B 239 -10.19 15.38 -21.20
N SER B 240 -9.99 16.65 -21.56
CA SER B 240 -10.13 17.72 -20.56
C SER B 240 -11.62 17.89 -20.20
N ILE B 241 -12.50 17.83 -21.20
CA ILE B 241 -13.95 17.88 -20.94
C ILE B 241 -14.37 16.74 -20.01
N ASP B 242 -13.93 15.52 -20.29
CA ASP B 242 -14.28 14.37 -19.40
C ASP B 242 -13.78 14.54 -17.99
N SER B 243 -12.64 15.16 -17.83
CA SER B 243 -12.16 15.47 -16.47
C SER B 243 -13.05 16.56 -15.74
N ALA B 244 -13.34 17.64 -16.47
CA ALA B 244 -14.30 18.66 -16.02
C ALA B 244 -15.62 18.05 -15.55
N THR B 245 -16.17 17.10 -16.32
CA THR B 245 -17.49 16.54 -15.96
C THR B 245 -17.43 15.40 -14.97
N MET B 246 -16.23 14.89 -14.75
CA MET B 246 -16.02 13.62 -13.99
C MET B 246 -16.47 12.35 -14.78
N MET B 247 -16.75 12.47 -16.07
CA MET B 247 -17.00 11.28 -16.87
C MET B 247 -15.76 10.44 -16.92
N ASN B 248 -14.60 11.10 -16.95
CA ASN B 248 -13.30 10.42 -16.93
C ASN B 248 -13.23 9.33 -15.83
N LYS B 249 -13.58 9.73 -14.63
CA LYS B 249 -13.65 8.88 -13.54
C LYS B 249 -14.76 7.80 -13.62
N GLY B 250 -15.91 8.13 -14.21
CA GLY B 250 -16.94 7.12 -14.39
C GLY B 250 -16.47 6.01 -15.39
N LEU B 251 -15.76 6.40 -16.42
CA LEU B 251 -15.16 5.46 -17.37
C LEU B 251 -14.07 4.63 -16.68
N GLU B 252 -13.30 5.24 -15.77
CA GLU B 252 -12.29 4.46 -15.00
C GLU B 252 -12.98 3.45 -14.11
N LEU B 253 -14.09 3.80 -13.53
CA LEU B 253 -14.84 2.93 -12.68
C LEU B 253 -15.31 1.68 -13.49
N ILE B 254 -15.86 1.92 -14.67
CA ILE B 254 -16.25 0.79 -15.57
C ILE B 254 -15.07 -0.07 -15.92
N GLU B 255 -13.97 0.57 -16.30
CA GLU B 255 -12.73 -0.11 -16.53
C GLU B 255 -12.33 -1.01 -15.38
N ALA B 256 -12.36 -0.47 -14.18
CA ALA B 256 -11.99 -1.21 -12.96
C ALA B 256 -12.89 -2.39 -12.70
N CYS B 257 -14.18 -2.26 -12.97
CA CYS B 257 -15.11 -3.37 -12.84
C CYS B 257 -14.62 -4.59 -13.66
N HIS B 258 -14.15 -4.34 -14.89
CA HIS B 258 -13.62 -5.41 -15.69
C HIS B 258 -12.25 -5.87 -15.25
N LEU B 259 -11.29 -4.95 -15.13
CA LEU B 259 -9.98 -5.35 -14.80
C LEU B 259 -9.97 -6.18 -13.49
N PHE B 260 -10.76 -5.74 -12.51
CA PHE B 260 -10.68 -6.37 -11.20
C PHE B 260 -11.85 -7.32 -10.91
N ASP B 261 -12.74 -7.51 -11.90
CA ASP B 261 -13.80 -8.54 -11.81
C ASP B 261 -14.79 -8.28 -10.71
N LEU B 262 -15.15 -7.00 -10.55
CA LEU B 262 -16.11 -6.56 -9.56
C LEU B 262 -17.32 -5.85 -10.14
N LYS B 263 -18.39 -5.72 -9.35
CA LYS B 263 -19.53 -4.88 -9.64
C LYS B 263 -19.29 -3.46 -9.15
N GLU B 264 -20.00 -2.50 -9.75
CA GLU B 264 -19.71 -1.09 -9.44
C GLU B 264 -19.90 -0.73 -7.96
N HIS B 265 -20.78 -1.40 -7.24
CA HIS B 265 -21.00 -1.04 -5.84
C HIS B 265 -19.79 -1.42 -4.94
N GLN B 266 -18.81 -2.15 -5.44
CA GLN B 266 -17.61 -2.55 -4.70
C GLN B 266 -16.46 -1.66 -4.99
N ILE B 267 -16.71 -0.60 -5.77
CA ILE B 267 -15.68 0.33 -6.18
C ILE B 267 -16.20 1.73 -5.81
N GLN B 268 -15.49 2.42 -4.89
CA GLN B 268 -15.87 3.74 -4.47
C GLN B 268 -14.92 4.81 -5.01
N VAL B 269 -15.35 6.06 -5.03
CA VAL B 269 -14.55 7.17 -5.50
C VAL B 269 -14.31 8.14 -4.36
N VAL B 270 -13.06 8.59 -4.22
CA VAL B 270 -12.75 9.60 -3.21
C VAL B 270 -12.04 10.74 -3.91
N ILE B 271 -12.50 11.96 -3.66
CA ILE B 271 -11.87 13.10 -4.24
C ILE B 271 -10.56 13.37 -3.46
N HIS B 272 -9.48 13.59 -4.17
CA HIS B 272 -8.15 13.78 -3.65
C HIS B 272 -7.41 14.71 -4.56
N PRO B 273 -7.52 16.05 -4.31
CA PRO B 273 -7.04 17.02 -5.28
C PRO B 273 -5.54 16.98 -5.52
N ASN B 274 -4.78 16.56 -4.53
CA ASN B 274 -3.32 16.57 -4.64
C ASN B 274 -2.84 15.50 -5.61
N SER B 275 -3.63 14.44 -5.82
CA SER B 275 -3.23 13.27 -6.64
C SER B 275 -1.87 12.64 -6.19
N VAL B 276 -1.62 12.61 -4.89
CA VAL B 276 -0.44 11.90 -4.39
C VAL B 276 -0.78 10.41 -4.16
N VAL B 277 -1.84 10.17 -3.44
CA VAL B 277 -2.42 8.83 -3.32
C VAL B 277 -3.08 8.45 -4.68
N HIS B 278 -2.62 7.39 -5.29
CA HIS B 278 -3.06 7.10 -6.68
C HIS B 278 -4.28 6.16 -6.71
N SER B 279 -4.56 5.51 -5.59
CA SER B 279 -5.81 4.76 -5.35
C SER B 279 -5.51 3.85 -4.14
N LEU B 280 -6.54 3.15 -3.65
CA LEU B 280 -6.40 2.29 -2.51
C LEU B 280 -7.26 1.04 -2.56
N VAL B 281 -6.86 0.03 -1.79
CA VAL B 281 -7.59 -1.23 -1.62
C VAL B 281 -7.88 -1.41 -0.17
N GLU B 282 -9.16 -1.51 0.17
CA GLU B 282 -9.58 -1.72 1.55
C GLU B 282 -9.77 -3.23 1.82
N TYR B 283 -9.16 -3.74 2.87
CA TYR B 283 -9.25 -5.12 3.32
C TYR B 283 -10.21 -5.23 4.52
N VAL B 284 -10.75 -6.46 4.73
CA VAL B 284 -11.78 -6.68 5.72
C VAL B 284 -11.29 -6.52 7.14
N ASP B 285 -9.98 -6.54 7.38
CA ASP B 285 -9.49 -6.27 8.69
C ASP B 285 -9.35 -4.75 9.04
N GLY B 286 -9.61 -3.90 8.08
CA GLY B 286 -9.50 -2.46 8.26
C GLY B 286 -8.29 -1.86 7.58
N SER B 287 -7.39 -2.69 7.09
CA SER B 287 -6.19 -2.20 6.40
C SER B 287 -6.53 -1.61 5.06
N PHE B 288 -6.05 -0.37 4.78
CA PHE B 288 -6.19 0.19 3.47
C PHE B 288 -4.78 0.20 2.90
N LEU B 289 -4.53 -0.52 1.82
CA LEU B 289 -3.20 -0.45 1.19
C LEU B 289 -3.32 0.56 0.06
N ALA B 290 -2.31 1.42 -0.08
CA ALA B 290 -2.34 2.46 -1.07
C ALA B 290 -1.00 2.55 -1.79
N GLN B 291 -1.03 3.01 -3.03
CA GLN B 291 0.16 3.37 -3.75
C GLN B 291 0.17 4.92 -3.88
N LEU B 292 1.32 5.48 -3.56
CA LEU B 292 1.56 6.90 -3.67
C LEU B 292 2.70 7.15 -4.62
N GLY B 293 2.70 8.30 -5.29
CA GLY B 293 3.81 8.63 -6.18
C GLY B 293 3.65 10.03 -6.75
N THR B 294 4.43 10.36 -7.75
CA THR B 294 4.31 11.62 -8.47
C THR B 294 3.47 11.35 -9.72
N PRO B 295 3.19 12.38 -10.53
CA PRO B 295 2.44 12.13 -11.75
C PRO B 295 3.21 11.41 -12.85
N ASP B 296 4.52 11.18 -12.71
CA ASP B 296 5.33 10.73 -13.85
C ASP B 296 4.92 9.26 -14.22
N MET B 297 4.47 9.08 -15.46
CA MET B 297 3.88 7.83 -15.88
C MET B 297 4.93 6.77 -15.95
N LYS B 298 6.21 7.14 -15.84
CA LYS B 298 7.26 6.10 -15.83
C LYS B 298 7.14 5.14 -14.69
N THR B 299 6.54 5.57 -13.59
CA THR B 299 6.39 4.71 -12.42
C THR B 299 5.46 3.49 -12.71
N PRO B 300 4.19 3.75 -13.04
CA PRO B 300 3.30 2.57 -13.39
C PRO B 300 3.81 1.79 -14.60
N ILE B 301 4.37 2.47 -15.61
CA ILE B 301 4.87 1.78 -16.77
C ILE B 301 6.07 0.90 -16.39
N ALA B 302 6.98 1.37 -15.53
CA ALA B 302 8.09 0.52 -15.14
C ALA B 302 7.60 -0.64 -14.28
N HIS B 303 6.63 -0.38 -13.41
CA HIS B 303 6.10 -1.46 -12.61
C HIS B 303 5.56 -2.60 -13.53
N ALA B 304 4.84 -2.22 -14.56
CA ALA B 304 4.17 -3.20 -15.44
C ALA B 304 5.17 -3.84 -16.42
N LEU B 305 6.13 -3.08 -16.97
CA LEU B 305 7.17 -3.68 -17.81
C LEU B 305 7.98 -4.74 -17.13
N ALA B 306 8.38 -4.51 -15.90
CA ALA B 306 9.26 -5.46 -15.22
C ALA B 306 8.53 -6.55 -14.47
N TYR B 307 7.23 -6.35 -14.21
CA TYR B 307 6.44 -7.28 -13.37
C TYR B 307 6.77 -8.72 -13.74
N PRO B 308 6.96 -9.64 -12.77
CA PRO B 308 6.81 -9.42 -11.32
C PRO B 308 8.04 -8.75 -10.59
N GLU B 309 9.10 -8.52 -11.34
CA GLU B 309 10.25 -7.78 -10.82
C GLU B 309 9.99 -6.28 -10.85
N ARG B 310 10.93 -5.52 -10.26
CA ARG B 310 10.93 -4.07 -10.29
C ARG B 310 12.24 -3.53 -10.92
N ILE B 311 12.19 -2.35 -11.49
CA ILE B 311 13.35 -1.75 -12.12
C ILE B 311 13.34 -0.28 -11.78
N LYS B 312 14.51 0.31 -11.84
CA LYS B 312 14.65 1.76 -11.75
C LYS B 312 13.91 2.39 -12.92
N SER B 313 13.10 3.39 -12.65
CA SER B 313 12.35 4.06 -13.68
C SER B 313 12.95 5.40 -14.13
N GLY B 314 13.98 5.90 -13.46
CA GLY B 314 14.46 7.26 -13.72
C GLY B 314 13.56 8.40 -13.30
N VAL B 315 12.50 8.16 -12.53
CA VAL B 315 11.67 9.28 -12.06
C VAL B 315 12.40 10.06 -10.95
N MET B 316 12.02 11.31 -10.78
CA MET B 316 12.35 12.03 -9.54
C MET B 316 11.32 11.54 -8.48
N PRO B 317 11.77 10.80 -7.46
CA PRO B 317 10.80 10.24 -6.56
C PRO B 317 10.02 11.24 -5.71
N LEU B 318 8.82 10.86 -5.34
CA LEU B 318 8.01 11.63 -4.40
C LEU B 318 8.91 12.03 -3.21
N ASP B 319 8.78 13.29 -2.79
CA ASP B 319 9.53 13.84 -1.64
C ASP B 319 8.56 14.02 -0.51
N LEU B 320 8.59 13.08 0.42
CA LEU B 320 7.64 13.10 1.52
C LEU B 320 7.81 14.31 2.42
N TYR B 321 9.01 14.88 2.43
CA TYR B 321 9.25 16.00 3.28
C TYR B 321 8.65 17.32 2.71
N GLN B 322 8.24 17.33 1.44
CA GLN B 322 7.80 18.54 0.78
C GLN B 322 6.40 18.37 0.26
N LEU B 323 5.53 17.71 0.98
CA LEU B 323 4.19 17.54 0.50
C LEU B 323 3.36 18.62 1.11
N GLY B 324 2.49 19.24 0.32
CA GLY B 324 1.40 20.04 0.92
C GLY B 324 0.52 19.04 1.62
N SER B 325 -0.40 19.50 2.44
CA SER B 325 -1.24 18.57 3.06
C SER B 325 -2.19 17.85 2.09
N LEU B 326 -2.43 16.58 2.36
CA LEU B 326 -3.25 15.71 1.48
C LEU B 326 -4.71 15.76 1.93
N LYS B 327 -5.62 16.07 0.99
CA LYS B 327 -7.02 16.22 1.29
C LYS B 327 -7.85 15.19 0.60
N PHE B 328 -8.87 14.73 1.29
CA PHE B 328 -9.77 13.74 0.80
C PHE B 328 -11.20 14.23 1.04
N LEU B 329 -12.10 14.02 0.10
CA LEU B 329 -13.51 14.32 0.37
C LEU B 329 -14.46 13.51 -0.48
N ALA B 330 -15.72 13.48 -0.08
CA ALA B 330 -16.81 12.81 -0.80
C ALA B 330 -17.04 13.51 -2.11
N PRO B 331 -17.23 12.75 -3.19
CA PRO B 331 -17.60 13.37 -4.44
C PRO B 331 -19.05 13.92 -4.40
N ASP B 332 -19.25 15.03 -5.08
CA ASP B 332 -20.56 15.69 -5.09
C ASP B 332 -21.30 15.20 -6.32
N LEU B 333 -22.15 14.21 -6.12
CA LEU B 333 -22.79 13.51 -7.24
C LEU B 333 -23.98 14.30 -7.85
N ASP B 334 -24.52 15.26 -7.10
CA ASP B 334 -25.46 16.24 -7.67
C ASP B 334 -24.73 17.09 -8.71
N LYS B 335 -23.54 17.58 -8.40
CA LYS B 335 -22.80 18.33 -9.39
C LYS B 335 -22.23 17.41 -10.52
N PHE B 336 -21.66 16.27 -10.15
CA PHE B 336 -20.95 15.45 -11.14
C PHE B 336 -21.84 14.31 -11.59
N ALA B 337 -22.90 14.71 -12.28
CA ALA B 337 -23.95 13.77 -12.67
C ALA B 337 -23.35 12.68 -13.58
N CYS B 338 -22.35 12.98 -14.39
CA CYS B 338 -21.75 11.94 -15.26
C CYS B 338 -21.21 10.72 -14.50
N LEU B 339 -20.77 10.92 -13.26
CA LEU B 339 -20.24 9.83 -12.49
C LEU B 339 -21.35 8.98 -12.05
N LYS B 340 -22.42 9.63 -11.65
CA LYS B 340 -23.60 8.88 -11.31
C LYS B 340 -24.16 8.03 -12.54
N LEU B 341 -24.16 8.63 -13.70
CA LEU B 341 -24.66 7.97 -14.93
C LEU B 341 -23.73 6.77 -15.32
N ALA B 342 -22.43 6.94 -15.13
CA ALA B 342 -21.46 5.81 -15.30
C ALA B 342 -21.78 4.65 -14.42
N ARG B 343 -22.18 4.93 -13.21
CA ARG B 343 -22.45 3.87 -12.28
C ARG B 343 -23.75 3.11 -12.66
N TYR B 344 -24.73 3.88 -13.09
CA TYR B 344 -26.02 3.30 -13.56
C TYR B 344 -25.75 2.43 -14.80
N ALA B 345 -24.95 2.93 -15.69
CA ALA B 345 -24.53 2.14 -16.89
C ALA B 345 -23.84 0.86 -16.55
N ALA B 346 -22.93 0.91 -15.59
CA ALA B 346 -22.28 -0.31 -15.11
C ALA B 346 -23.25 -1.34 -14.60
N ARG B 347 -24.30 -0.93 -13.89
CA ARG B 347 -25.23 -1.91 -13.41
C ARG B 347 -26.02 -2.48 -14.57
N LEU B 348 -26.27 -1.71 -15.59
CA LEU B 348 -27.09 -2.23 -16.69
C LEU B 348 -26.27 -3.12 -17.69
N GLY B 349 -24.94 -3.03 -17.66
CA GLY B 349 -24.07 -3.95 -18.43
C GLY B 349 -23.41 -3.24 -19.61
N THR B 350 -22.74 -4.02 -20.41
CA THR B 350 -21.90 -3.50 -21.46
C THR B 350 -22.61 -2.70 -22.46
N GLY B 351 -23.84 -3.11 -22.78
CA GLY B 351 -24.58 -2.31 -23.72
C GLY B 351 -24.85 -0.89 -23.28
N ALA B 352 -25.22 -0.76 -22.04
CA ALA B 352 -25.38 0.57 -21.46
C ALA B 352 -24.02 1.34 -21.37
N CYS B 353 -22.94 0.62 -21.09
CA CYS B 353 -21.61 1.29 -21.10
C CYS B 353 -21.19 1.78 -22.43
N ILE B 354 -21.50 1.02 -23.49
CA ILE B 354 -21.27 1.55 -24.82
C ILE B 354 -22.10 2.78 -25.07
N ALA B 355 -23.38 2.72 -24.72
CA ALA B 355 -24.29 3.87 -24.91
C ALA B 355 -23.77 5.11 -24.21
N LEU B 356 -23.37 4.91 -22.96
CA LEU B 356 -22.78 6.00 -22.16
C LEU B 356 -21.57 6.52 -22.82
N ASN B 357 -20.67 5.62 -23.21
CA ASN B 357 -19.43 6.10 -23.79
C ASN B 357 -19.62 6.83 -25.15
N THR B 358 -20.51 6.29 -25.98
CA THR B 358 -20.78 6.85 -27.30
C THR B 358 -21.58 8.16 -27.19
N ALA B 359 -22.61 8.18 -26.37
CA ALA B 359 -23.38 9.42 -26.17
C ALA B 359 -22.50 10.50 -25.58
N ASN B 360 -21.65 10.16 -24.63
CA ASN B 360 -20.69 11.11 -24.12
C ASN B 360 -19.82 11.64 -25.23
N GLU B 361 -19.28 10.78 -26.06
CA GLU B 361 -18.40 11.28 -27.13
C GLU B 361 -19.15 12.30 -28.05
N ILE B 362 -20.38 11.99 -28.43
CA ILE B 362 -21.14 12.85 -29.33
C ILE B 362 -21.49 14.15 -28.59
N ALA B 363 -21.86 14.05 -27.31
CA ALA B 363 -22.13 15.24 -26.51
C ALA B 363 -20.90 16.09 -26.29
N VAL B 364 -19.74 15.50 -26.04
CA VAL B 364 -18.52 16.29 -25.91
C VAL B 364 -18.21 17.07 -27.19
N GLU B 365 -18.34 16.40 -28.34
CA GLU B 365 -18.13 17.04 -29.67
C GLU B 365 -19.04 18.25 -29.84
N ALA B 366 -20.31 18.06 -29.50
CA ALA B 366 -21.29 19.10 -29.57
C ALA B 366 -20.97 20.26 -28.61
N PHE B 367 -20.50 19.94 -27.40
CA PHE B 367 -20.07 21.01 -26.50
C PHE B 367 -18.93 21.78 -27.14
N LEU B 368 -17.98 21.07 -27.74
CA LEU B 368 -16.78 21.72 -28.30
C LEU B 368 -17.13 22.60 -29.51
N ALA B 369 -18.20 22.25 -30.21
CA ALA B 369 -18.73 23.02 -31.31
C ALA B 369 -19.68 24.11 -30.81
N GLU B 370 -19.74 24.33 -29.50
CA GLU B 370 -20.56 25.37 -28.89
C GLU B 370 -22.06 25.19 -29.15
N LYS B 371 -22.50 23.95 -29.29
CA LYS B 371 -23.91 23.66 -29.55
C LYS B 371 -24.72 23.40 -28.29
N ILE B 372 -24.03 22.94 -27.25
CA ILE B 372 -24.66 22.69 -25.97
C ILE B 372 -23.73 23.19 -24.89
N CYS B 373 -24.26 23.36 -23.69
CA CYS B 373 -23.38 23.78 -22.60
C CYS B 373 -22.88 22.52 -21.85
N LEU B 374 -21.94 22.74 -20.95
CA LEU B 374 -21.21 21.69 -20.29
C LEU B 374 -22.13 20.81 -19.50
N THR B 375 -23.05 21.40 -18.78
CA THR B 375 -24.01 20.63 -17.96
C THR B 375 -25.01 19.86 -18.80
N ASP B 376 -25.10 20.15 -20.09
CA ASP B 376 -25.99 19.38 -20.98
C ASP B 376 -25.37 18.05 -21.42
N ILE B 377 -24.07 17.87 -21.26
CA ILE B 377 -23.43 16.56 -21.57
C ILE B 377 -24.14 15.44 -20.84
N ALA B 378 -24.28 15.57 -19.53
CA ALA B 378 -25.02 14.57 -18.76
C ALA B 378 -26.45 14.40 -19.19
N VAL B 379 -27.05 15.50 -19.66
CA VAL B 379 -28.45 15.44 -20.04
C VAL B 379 -28.62 14.55 -21.30
N ILE B 380 -27.73 14.73 -22.25
CA ILE B 380 -27.72 13.91 -23.48
C ILE B 380 -27.46 12.43 -23.13
N VAL B 381 -26.49 12.20 -22.23
CA VAL B 381 -26.06 10.85 -21.86
C VAL B 381 -27.17 10.17 -21.18
N LYS B 382 -27.85 10.87 -20.26
CA LYS B 382 -28.96 10.24 -19.59
C LYS B 382 -30.09 9.92 -20.58
N ALA B 383 -30.36 10.83 -21.50
CA ALA B 383 -31.50 10.59 -22.44
C ALA B 383 -31.21 9.33 -23.30
N CYS B 384 -29.97 9.17 -23.74
CA CYS B 384 -29.58 7.92 -24.45
C CYS B 384 -29.70 6.68 -23.58
N LEU B 385 -29.20 6.73 -22.36
CA LEU B 385 -29.31 5.57 -21.50
C LEU B 385 -30.73 5.08 -21.24
N ASP B 386 -31.65 6.06 -21.16
CA ASP B 386 -33.04 5.80 -20.85
C ASP B 386 -33.90 5.53 -22.10
N ASP B 387 -33.33 5.76 -23.28
CA ASP B 387 -34.04 5.58 -24.53
C ASP B 387 -34.48 4.11 -24.70
N LYS B 388 -35.77 3.88 -24.93
CA LYS B 388 -36.33 2.50 -24.96
C LYS B 388 -35.69 1.67 -26.10
N THR B 389 -35.30 2.36 -27.18
CA THR B 389 -34.73 1.71 -28.36
C THR B 389 -33.30 1.17 -28.10
N ILE B 390 -32.52 1.95 -27.33
CA ILE B 390 -31.15 1.59 -26.92
C ILE B 390 -31.25 0.50 -25.91
N ALA B 391 -32.16 0.67 -24.95
CA ALA B 391 -32.24 -0.25 -23.82
C ALA B 391 -32.69 -1.64 -24.14
N GLN B 392 -33.44 -1.79 -25.23
CA GLN B 392 -33.84 -3.16 -25.64
C GLN B 392 -32.62 -3.99 -26.03
N ASP B 393 -31.50 -3.33 -26.37
CA ASP B 393 -30.22 -4.05 -26.67
C ASP B 393 -29.31 -4.43 -25.48
N TYR B 394 -29.70 -4.01 -24.29
CA TYR B 394 -28.86 -4.20 -23.13
C TYR B 394 -28.73 -5.64 -22.76
N SER B 395 -29.74 -6.48 -23.07
CA SER B 395 -29.65 -7.87 -22.67
C SER B 395 -28.77 -8.72 -23.63
N GLN B 396 -28.32 -8.18 -24.74
CA GLN B 396 -27.35 -8.91 -25.61
C GLN B 396 -26.04 -9.34 -24.92
N ASP B 397 -25.45 -10.46 -25.37
CA ASP B 397 -24.16 -10.93 -24.81
C ASP B 397 -23.05 -10.29 -25.64
N PHE B 398 -22.57 -9.12 -25.16
CA PHE B 398 -21.51 -8.37 -25.86
C PHE B 398 -20.15 -9.01 -25.61
N GLY B 399 -20.12 -10.02 -24.76
CA GLY B 399 -18.99 -10.90 -24.51
C GLY B 399 -18.87 -12.15 -25.37
N ASP B 400 -19.82 -12.35 -26.27
CA ASP B 400 -19.80 -13.57 -27.10
C ASP B 400 -18.59 -13.51 -27.98
N GLU B 401 -17.83 -14.56 -28.00
CA GLU B 401 -16.57 -14.56 -28.72
C GLU B 401 -16.73 -14.25 -30.24
N VAL B 402 -17.76 -14.82 -30.86
CA VAL B 402 -17.93 -14.72 -32.34
C VAL B 402 -18.79 -13.55 -32.77
N LEU B 403 -19.77 -13.22 -31.94
CA LEU B 403 -20.78 -12.18 -32.24
C LEU B 403 -20.55 -10.85 -31.50
N GLY B 404 -19.69 -10.89 -30.50
CA GLY B 404 -19.49 -9.78 -29.58
C GLY B 404 -18.99 -8.51 -30.22
N LEU B 405 -17.97 -8.59 -31.03
CA LEU B 405 -17.43 -7.38 -31.66
C LEU B 405 -18.44 -6.71 -32.56
N GLU B 406 -19.14 -7.48 -33.38
CA GLU B 406 -20.13 -6.92 -34.24
C GLU B 406 -21.30 -6.31 -33.41
N ARG B 407 -21.72 -6.99 -32.37
CA ARG B 407 -22.75 -6.38 -31.45
C ARG B 407 -22.29 -5.02 -30.90
N ILE B 408 -21.04 -4.94 -30.52
CA ILE B 408 -20.47 -3.73 -29.93
C ILE B 408 -20.42 -2.61 -30.93
N LEU B 409 -19.95 -2.87 -32.13
CA LEU B 409 -19.90 -1.85 -33.17
C LEU B 409 -21.30 -1.46 -33.68
N THR B 410 -22.22 -2.39 -33.73
CA THR B 410 -23.61 -2.11 -34.10
C THR B 410 -24.26 -1.14 -33.05
N MET B 411 -24.03 -1.42 -31.77
CA MET B 411 -24.55 -0.61 -30.69
C MET B 411 -23.97 0.79 -30.72
N ASP B 412 -22.66 0.92 -30.95
CA ASP B 412 -22.02 2.19 -31.11
C ASP B 412 -22.67 3.05 -32.24
N LYS B 413 -22.81 2.46 -33.42
CA LYS B 413 -23.43 3.18 -34.54
C LYS B 413 -24.85 3.59 -34.22
N LYS B 414 -25.62 2.73 -33.61
CA LYS B 414 -27.01 3.06 -33.29
C LYS B 414 -27.14 4.23 -32.32
N VAL B 415 -26.26 4.22 -31.31
CA VAL B 415 -26.30 5.26 -30.27
C VAL B 415 -25.76 6.55 -30.81
N ARG B 416 -24.77 6.51 -31.66
CA ARG B 416 -24.24 7.70 -32.27
C ARG B 416 -25.37 8.50 -33.02
N LYS B 417 -26.28 7.77 -33.69
CA LYS B 417 -27.37 8.41 -34.46
C LYS B 417 -28.41 8.97 -33.47
N ILE B 418 -28.78 8.20 -32.46
CA ILE B 418 -29.78 8.64 -31.52
C ILE B 418 -29.28 9.84 -30.69
N ALA B 419 -28.00 9.84 -30.34
CA ALA B 419 -27.47 10.93 -29.54
C ALA B 419 -27.48 12.22 -30.34
N THR B 420 -27.15 12.13 -31.61
CA THR B 420 -27.20 13.30 -32.50
C THR B 420 -28.62 13.86 -32.60
N ALA B 421 -29.60 12.96 -32.65
CA ALA B 421 -31.00 13.36 -32.67
C ALA B 421 -31.44 13.96 -31.34
N LYS B 422 -30.96 13.44 -30.20
CA LYS B 422 -31.27 14.02 -28.90
C LYS B 422 -30.70 15.42 -28.74
N ILE B 423 -29.51 15.68 -29.28
CA ILE B 423 -28.95 17.02 -29.25
C ILE B 423 -29.85 17.99 -30.00
N LYS B 424 -30.39 17.55 -31.15
CA LYS B 424 -31.30 18.41 -31.92
C LYS B 424 -32.63 18.63 -31.21
N LEU B 425 -33.17 17.57 -30.65
CA LEU B 425 -34.41 17.59 -29.88
C LEU B 425 -34.30 18.50 -28.62
N LEU B 426 -33.08 18.62 -28.08
CA LEU B 426 -32.81 19.50 -26.92
C LEU B 426 -32.69 20.96 -27.32
N LYS B 427 -32.07 21.26 -28.46
CA LYS B 427 -31.95 22.66 -28.88
C LYS B 427 -33.31 23.33 -29.15
N GLN B 428 -34.37 22.51 -29.07
CA GLN B 428 -35.78 22.89 -29.00
C GLN B 428 -36.36 22.31 -27.66
N GLY B 429 -36.91 21.08 -27.69
CA GLY B 429 -37.54 20.47 -26.51
C GLY B 429 -38.23 19.18 -26.90
#